data_9C6A
#
_entry.id   9C6A
#
_cell.length_a   53.615
_cell.length_b   96.801
_cell.length_c   155.722
_cell.angle_alpha   90.00
_cell.angle_beta   90.00
_cell.angle_gamma   90.00
#
_symmetry.space_group_name_H-M   'P 21 21 21'
#
loop_
_entity.id
_entity.type
_entity.pdbx_description
1 polymer 'Adenosine deaminase domain-containing protein'
2 water water
#
_entity_poly.entity_id   1
_entity_poly.type   'polypeptide(L)'
_entity_poly.pdbx_seq_one_letter_code
;MSRVLLCSAGHSSMVVPEAFHAVPEGFEEVHVFTTDSEKFNPVVLNDFFHSLPNVRFSITKCHGLADILNERDFEFYQEM
LWQWYLTKMPDNELPYVCLSGGIKSMSASLQKAATLFGAQSVFHVLADNNPRNIEEMFDALQKGQIHFIEMGYEPGWAAL
RRLKKI
;
_entity_poly.pdbx_strand_id   A,B,C,D
#
# COMPACT_ATOMS: atom_id res chain seq x y z
N SER A 2 11.94 14.77 17.76
CA SER A 2 10.88 14.91 18.74
C SER A 2 9.84 13.79 18.62
N ARG A 3 9.50 13.18 19.74
CA ARG A 3 8.45 12.17 19.80
C ARG A 3 7.13 12.86 20.11
N VAL A 4 6.17 12.71 19.21
CA VAL A 4 4.86 13.38 19.30
C VAL A 4 3.79 12.33 19.56
N LEU A 5 2.82 12.70 20.41
CA LEU A 5 1.69 11.84 20.74
C LEU A 5 0.42 12.54 20.28
N LEU A 6 -0.34 11.87 19.41
CA LEU A 6 -1.57 12.41 18.86
C LEU A 6 -2.74 11.55 19.31
N CYS A 7 -3.78 12.18 19.86
CA CYS A 7 -4.85 11.44 20.52
C CYS A 7 -6.20 12.03 20.18
N SER A 8 -7.14 11.17 19.78
CA SER A 8 -8.55 11.53 19.82
C SER A 8 -9.02 11.47 21.26
N ALA A 9 -9.88 12.40 21.64
CA ALA A 9 -10.43 12.43 22.99
C ALA A 9 -11.90 12.83 22.92
N GLY A 10 -12.65 12.35 23.91
CA GLY A 10 -14.07 12.62 23.97
C GLY A 10 -14.60 12.81 25.37
N HIS A 11 -15.35 11.83 25.87
CA HIS A 11 -15.98 11.98 27.17
C HIS A 11 -15.03 11.57 28.29
N SER A 12 -14.55 10.32 28.26
CA SER A 12 -13.51 9.90 29.19
C SER A 12 -12.20 10.59 28.83
N SER A 13 -11.83 11.61 29.61
CA SER A 13 -10.62 12.37 29.33
C SER A 13 -9.36 11.63 29.74
N MET A 14 -9.47 10.66 30.64
CA MET A 14 -8.30 10.06 31.28
C MET A 14 -7.47 9.18 30.36
N VAL A 15 -7.84 8.99 29.09
CA VAL A 15 -7.04 8.16 28.21
C VAL A 15 -5.73 8.81 27.83
N VAL A 16 -5.64 10.13 27.90
CA VAL A 16 -4.49 10.88 27.39
C VAL A 16 -3.34 10.88 28.39
N PRO A 17 -3.57 11.05 29.70
CA PRO A 17 -2.46 10.86 30.65
C PRO A 17 -2.06 9.42 30.83
N GLU A 18 -2.95 8.47 30.52
CA GLU A 18 -2.53 7.07 30.46
C GLU A 18 -1.66 6.83 29.23
N ALA A 19 -2.05 7.39 28.09
CA ALA A 19 -1.23 7.24 26.89
C ALA A 19 0.13 7.91 27.06
N PHE A 20 0.21 8.92 27.91
CA PHE A 20 1.47 9.59 28.17
C PHE A 20 2.46 8.68 28.89
N HIS A 21 1.97 7.79 29.75
CA HIS A 21 2.83 6.97 30.61
C HIS A 21 3.07 5.58 30.04
N ALA A 22 2.38 5.20 28.97
CA ALA A 22 2.54 3.88 28.37
C ALA A 22 3.75 3.80 27.43
N VAL A 23 4.43 4.93 27.19
CA VAL A 23 5.69 4.99 26.48
C VAL A 23 6.76 5.41 27.50
N PRO A 24 7.72 4.53 27.80
CA PRO A 24 8.55 4.72 29.02
C PRO A 24 9.23 6.08 29.14
N GLU A 25 9.77 6.59 28.04
CA GLU A 25 10.63 7.76 28.11
C GLU A 25 9.86 9.06 28.28
N GLY A 26 8.58 9.08 27.94
CA GLY A 26 7.79 10.30 27.96
C GLY A 26 7.70 10.94 26.58
N PHE A 27 6.86 11.96 26.49
CA PHE A 27 6.65 12.70 25.26
C PHE A 27 7.02 14.17 25.43
N GLU A 28 7.65 14.74 24.42
CA GLU A 28 7.94 16.16 24.42
C GLU A 28 6.73 16.97 23.99
N GLU A 29 5.95 16.43 23.06
CA GLU A 29 4.75 17.07 22.56
C GLU A 29 3.54 16.19 22.81
N VAL A 30 2.40 16.83 23.03
CA VAL A 30 1.10 16.18 23.05
C VAL A 30 0.12 17.06 22.29
N HIS A 31 -0.71 16.46 21.47
CA HIS A 31 -1.73 17.19 20.73
C HIS A 31 -3.02 16.39 20.74
N VAL A 32 -4.10 17.04 21.16
CA VAL A 32 -5.41 16.39 21.27
C VAL A 32 -6.36 17.02 20.27
N PHE A 33 -7.21 16.19 19.65
CA PHE A 33 -8.16 16.59 18.63
C PHE A 33 -9.56 16.19 19.09
N THR A 34 -10.33 17.15 19.57
CA THR A 34 -11.65 16.89 20.14
C THR A 34 -12.68 17.81 19.50
N THR A 35 -13.94 17.39 19.60
CA THR A 35 -15.04 18.22 19.15
C THR A 35 -15.32 19.32 20.17
N ASP A 36 -16.17 20.26 19.78
CA ASP A 36 -16.65 21.28 20.72
C ASP A 36 -17.79 20.78 21.60
N SER A 37 -17.69 19.54 22.08
CA SER A 37 -18.71 18.98 22.95
C SER A 37 -18.75 19.73 24.27
N GLU A 38 -19.88 19.60 24.97
CA GLU A 38 -19.99 20.07 26.34
C GLU A 38 -19.50 19.05 27.34
N LYS A 39 -19.66 17.76 27.02
CA LYS A 39 -19.25 16.70 27.94
C LYS A 39 -17.74 16.63 28.06
N PHE A 40 -17.02 16.92 26.98
CA PHE A 40 -15.56 16.88 27.03
C PHE A 40 -15.03 17.76 28.14
N ASN A 41 -14.51 17.15 29.20
CA ASN A 41 -13.92 17.88 30.32
C ASN A 41 -12.46 18.13 30.01
N PRO A 42 -12.05 19.35 29.68
CA PRO A 42 -10.62 19.62 29.46
C PRO A 42 -9.84 19.79 30.75
N VAL A 43 -10.51 19.82 31.89
CA VAL A 43 -9.90 20.30 33.13
C VAL A 43 -8.96 19.25 33.72
N VAL A 44 -9.36 17.98 33.72
CA VAL A 44 -8.50 16.95 34.30
C VAL A 44 -7.23 16.80 33.48
N LEU A 45 -7.36 16.83 32.15
CA LEU A 45 -6.19 16.79 31.26
C LEU A 45 -5.22 17.91 31.58
N ASN A 46 -5.71 19.15 31.52
CA ASN A 46 -4.85 20.31 31.69
C ASN A 46 -4.18 20.31 33.06
N ASP A 47 -4.91 19.91 34.10
CA ASP A 47 -4.36 19.87 35.46
C ASP A 47 -3.17 18.93 35.53
N PHE A 48 -3.27 17.78 34.87
CA PHE A 48 -2.12 16.90 34.71
C PHE A 48 -1.02 17.58 33.92
N PHE A 49 -1.36 18.11 32.74
CA PHE A 49 -0.36 18.63 31.82
C PHE A 49 0.17 20.01 32.21
N HIS A 50 -0.30 20.58 33.32
CA HIS A 50 0.36 21.77 33.87
C HIS A 50 1.38 21.41 34.93
N SER A 51 1.21 20.28 35.62
CA SER A 51 2.22 19.80 36.54
C SER A 51 3.48 19.32 35.83
N LEU A 52 3.42 19.17 34.50
CA LEU A 52 4.56 18.75 33.68
C LEU A 52 4.89 19.90 32.73
N PRO A 53 5.66 20.88 33.20
CA PRO A 53 5.89 22.09 32.40
C PRO A 53 6.99 21.97 31.36
N ASN A 54 7.60 20.80 31.20
CA ASN A 54 8.62 20.57 30.19
C ASN A 54 8.05 19.96 28.92
N VAL A 55 6.74 20.10 28.71
CA VAL A 55 6.03 19.50 27.58
C VAL A 55 5.20 20.60 26.92
N ARG A 56 4.91 20.41 25.63
CA ARG A 56 4.00 21.30 24.92
C ARG A 56 2.69 20.57 24.65
N PHE A 57 1.60 21.09 25.20
CA PHE A 57 0.28 20.50 25.08
C PHE A 57 -0.60 21.43 24.27
N SER A 58 -1.42 20.87 23.38
CA SER A 58 -2.28 21.70 22.53
C SER A 58 -3.53 20.90 22.14
N ILE A 59 -4.64 21.21 22.79
CA ILE A 59 -5.94 20.73 22.36
C ILE A 59 -6.44 21.62 21.22
N THR A 60 -7.11 21.02 20.24
CA THR A 60 -7.68 21.73 19.11
C THR A 60 -9.14 21.31 18.96
N LYS A 61 -10.06 22.18 19.34
CA LYS A 61 -11.47 21.85 19.35
C LYS A 61 -12.07 22.03 17.95
N CYS A 62 -12.72 20.98 17.45
CA CYS A 62 -13.47 21.07 16.21
C CYS A 62 -14.62 22.05 16.39
N HIS A 63 -14.47 23.25 15.85
CA HIS A 63 -15.37 24.35 16.14
C HIS A 63 -16.64 24.19 15.30
N GLY A 64 -17.74 23.83 15.94
CA GLY A 64 -18.99 23.67 15.22
C GLY A 64 -19.60 22.29 15.42
N LEU A 65 -18.75 21.27 15.43
CA LEU A 65 -19.18 19.90 15.62
C LEU A 65 -19.26 19.61 17.12
N ALA A 66 -20.47 19.27 17.59
CA ALA A 66 -20.64 18.76 18.94
C ALA A 66 -20.70 17.24 18.98
N ASP A 67 -21.35 16.63 17.98
CA ASP A 67 -21.41 15.17 17.85
C ASP A 67 -21.42 14.81 16.38
N ILE A 68 -20.88 13.64 16.06
CA ILE A 68 -21.03 13.02 14.76
C ILE A 68 -22.29 12.16 14.78
N LEU A 69 -23.23 12.43 13.87
CA LEU A 69 -24.47 11.68 13.87
C LEU A 69 -24.80 11.04 12.53
N ASN A 70 -24.57 11.73 11.40
CA ASN A 70 -24.83 11.17 10.09
C ASN A 70 -23.56 11.21 9.24
N GLU A 71 -23.66 10.64 8.04
CA GLU A 71 -22.48 10.49 7.18
C GLU A 71 -21.88 11.84 6.78
N ARG A 72 -22.67 12.91 6.83
CA ARG A 72 -22.14 14.24 6.56
C ARG A 72 -21.29 14.76 7.71
N ASP A 73 -21.64 14.43 8.96
CA ASP A 73 -20.88 14.92 10.09
C ASP A 73 -19.55 14.19 10.25
N PHE A 74 -19.48 12.92 9.84
CA PHE A 74 -18.22 12.19 9.90
C PHE A 74 -17.23 12.69 8.86
N GLU A 75 -17.73 13.12 7.70
CA GLU A 75 -16.85 13.56 6.62
C GLU A 75 -16.28 14.95 6.91
N PHE A 76 -17.03 15.77 7.66
CA PHE A 76 -16.45 16.98 8.23
C PHE A 76 -15.39 16.63 9.27
N TYR A 77 -15.69 15.69 10.16
CA TYR A 77 -14.73 15.25 11.16
C TYR A 77 -13.47 14.68 10.53
N GLN A 78 -13.63 13.77 9.57
CA GLN A 78 -12.47 13.10 9.00
C GLN A 78 -11.54 14.08 8.29
N GLU A 79 -12.10 15.01 7.52
CA GLU A 79 -11.27 15.94 6.76
C GLU A 79 -10.54 16.89 7.70
N MET A 80 -11.19 17.29 8.80
CA MET A 80 -10.52 18.13 9.77
C MET A 80 -9.48 17.35 10.56
N LEU A 81 -9.66 16.03 10.68
CA LEU A 81 -8.71 15.22 11.44
C LEU A 81 -7.42 14.99 10.66
N TRP A 82 -7.51 14.83 9.35
CA TRP A 82 -6.33 14.46 8.58
C TRP A 82 -5.45 15.68 8.29
N GLN A 83 -6.05 16.86 8.20
CA GLN A 83 -5.26 18.09 8.24
C GLN A 83 -4.50 18.19 9.55
N TRP A 84 -5.23 18.12 10.68
CA TRP A 84 -4.61 18.21 12.00
C TRP A 84 -3.54 17.13 12.19
N TYR A 85 -3.78 15.95 11.62
CA TYR A 85 -2.76 14.89 11.70
C TYR A 85 -1.55 15.26 10.85
N LEU A 86 -1.75 15.95 9.75
CA LEU A 86 -0.63 16.47 8.96
C LEU A 86 -0.13 17.82 9.45
N THR A 87 -0.92 18.52 10.27
CA THR A 87 -0.44 19.72 10.91
C THR A 87 0.52 19.40 12.06
N LYS A 88 0.11 18.50 12.94
CA LYS A 88 0.87 18.21 14.15
C LYS A 88 1.92 17.13 13.96
N MET A 89 1.98 16.50 12.78
CA MET A 89 3.01 15.52 12.50
C MET A 89 4.37 16.22 12.42
N PRO A 90 5.42 15.64 12.99
CA PRO A 90 6.74 16.25 12.89
C PRO A 90 7.24 16.30 11.45
N ASP A 91 8.28 17.10 11.24
CA ASP A 91 8.87 17.20 9.92
C ASP A 91 9.76 15.99 9.60
N ASN A 92 10.53 15.53 10.58
CA ASN A 92 11.50 14.45 10.36
C ASN A 92 11.12 13.13 10.99
N GLU A 93 10.25 13.12 12.00
CA GLU A 93 9.88 11.89 12.67
C GLU A 93 8.39 11.62 12.51
N LEU A 94 8.00 10.36 12.79
CA LEU A 94 6.61 9.92 12.75
C LEU A 94 6.01 9.94 14.15
N PRO A 95 4.71 10.24 14.28
CA PRO A 95 4.12 10.45 15.60
C PRO A 95 3.59 9.15 16.21
N TYR A 96 3.38 9.21 17.52
CA TYR A 96 2.75 8.12 18.26
C TYR A 96 1.26 8.39 18.32
N VAL A 97 0.46 7.42 17.89
CA VAL A 97 -0.98 7.60 17.72
C VAL A 97 -1.70 6.67 18.69
N CYS A 98 -2.59 7.24 19.49
CA CYS A 98 -3.37 6.50 20.47
C CYS A 98 -4.83 6.48 20.03
N LEU A 99 -5.36 5.28 19.83
CA LEU A 99 -6.74 5.07 19.38
C LEU A 99 -7.67 4.79 20.56
N SER A 100 -7.41 5.38 21.72
CA SER A 100 -8.15 5.02 22.93
C SER A 100 -9.35 5.92 23.21
N GLY A 101 -9.24 7.22 22.96
CA GLY A 101 -10.35 8.12 23.22
C GLY A 101 -11.27 8.28 22.03
N GLY A 102 -12.38 8.98 22.27
CA GLY A 102 -13.34 9.24 21.22
C GLY A 102 -14.37 8.14 21.05
N ILE A 103 -15.00 8.13 19.89
CA ILE A 103 -15.94 7.08 19.51
C ILE A 103 -15.26 6.17 18.49
N LYS A 104 -15.96 5.14 18.03
CA LYS A 104 -15.31 4.16 17.16
C LYS A 104 -14.99 4.72 15.78
N SER A 105 -15.83 5.63 15.28
CA SER A 105 -15.51 6.28 14.00
C SER A 105 -14.49 7.40 14.15
N MET A 106 -14.31 7.93 15.36
CA MET A 106 -13.16 8.80 15.61
C MET A 106 -11.85 8.03 15.56
N SER A 107 -11.84 6.79 16.08
CA SER A 107 -10.63 6.01 16.18
C SER A 107 -10.28 5.26 14.90
N ALA A 108 -11.30 4.80 14.16
CA ALA A 108 -11.04 4.13 12.89
C ALA A 108 -10.57 5.09 11.82
N SER A 109 -10.87 6.38 11.96
CA SER A 109 -10.40 7.38 11.01
C SER A 109 -9.00 7.89 11.38
N LEU A 110 -8.74 8.07 12.67
CA LEU A 110 -7.37 8.29 13.14
C LEU A 110 -6.50 7.08 12.80
N GLN A 111 -7.09 5.89 12.82
CA GLN A 111 -6.41 4.68 12.33
C GLN A 111 -5.98 4.84 10.88
N LYS A 112 -6.94 5.18 10.01
CA LYS A 112 -6.62 5.38 8.60
C LYS A 112 -5.56 6.46 8.41
N ALA A 113 -5.77 7.62 9.05
CA ALA A 113 -4.81 8.71 8.98
C ALA A 113 -3.39 8.23 9.07
N ALA A 114 -3.08 7.46 10.12
CA ALA A 114 -1.75 6.89 10.29
C ALA A 114 -1.29 6.13 9.05
N THR A 115 -2.09 5.17 8.61
CA THR A 115 -1.67 4.30 7.51
C THR A 115 -1.41 5.10 6.24
N LEU A 116 -2.07 6.25 6.09
CA LEU A 116 -1.86 7.07 4.90
C LEU A 116 -0.59 7.91 5.01
N PHE A 117 -0.30 8.41 6.21
CA PHE A 117 0.80 9.36 6.39
C PHE A 117 1.97 8.80 7.19
N GLY A 118 1.75 7.76 7.98
CA GLY A 118 2.80 7.21 8.81
C GLY A 118 2.50 7.43 10.28
N ALA A 119 2.94 6.48 11.09
CA ALA A 119 2.82 6.59 12.55
C ALA A 119 3.88 5.71 13.17
N GLN A 120 4.73 6.30 14.01
CA GLN A 120 5.76 5.53 14.70
C GLN A 120 5.17 4.33 15.41
N SER A 121 4.01 4.52 16.05
CA SER A 121 3.34 3.42 16.72
C SER A 121 1.88 3.78 16.87
N VAL A 122 1.02 3.08 16.13
CA VAL A 122 -0.41 3.05 16.41
C VAL A 122 -0.60 2.10 17.59
N PHE A 123 -0.96 2.64 18.74
CA PHE A 123 -1.19 1.83 19.93
C PHE A 123 -2.55 2.19 20.51
N HIS A 124 -2.95 1.41 21.52
CA HIS A 124 -4.29 1.55 22.10
C HIS A 124 -4.20 1.17 23.56
N VAL A 125 -4.33 2.15 24.45
CA VAL A 125 -4.16 1.93 25.88
C VAL A 125 -5.42 1.30 26.46
N LEU A 126 -5.24 0.30 27.32
CA LEU A 126 -6.33 -0.45 27.94
C LEU A 126 -6.09 -0.51 29.44
N ALA A 127 -7.12 -0.20 30.23
CA ALA A 127 -7.05 -0.25 31.69
C ALA A 127 -7.95 -1.35 32.24
N ASP A 128 -8.21 -1.31 33.54
CA ASP A 128 -9.04 -2.31 34.22
C ASP A 128 -10.29 -1.72 34.86
N ASN A 129 -10.13 -0.71 35.71
CA ASN A 129 -11.22 -0.20 36.52
C ASN A 129 -11.78 1.12 35.99
N ASN A 130 -11.40 1.53 34.77
CA ASN A 130 -11.72 2.85 34.23
C ASN A 130 -11.31 3.92 35.22
N PRO A 131 -10.04 4.30 35.26
CA PRO A 131 -9.59 5.35 36.20
C PRO A 131 -10.35 6.65 36.01
N ARG A 132 -10.97 7.12 37.10
CA ARG A 132 -11.79 8.33 37.04
C ARG A 132 -10.98 9.61 37.20
N ASN A 133 -9.76 9.54 37.73
CA ASN A 133 -9.06 10.74 38.10
C ASN A 133 -7.55 10.49 38.04
N ILE A 134 -6.78 11.36 38.69
CA ILE A 134 -5.32 11.30 38.60
C ILE A 134 -4.78 10.33 39.63
N GLU A 135 -5.27 10.41 40.87
CA GLU A 135 -4.77 9.54 41.93
C GLU A 135 -5.09 8.09 41.64
N GLU A 136 -6.28 7.82 41.08
CA GLU A 136 -6.65 6.45 40.74
C GLU A 136 -5.76 5.89 39.63
N MET A 137 -5.44 6.71 38.63
CA MET A 137 -4.63 6.23 37.51
C MET A 137 -3.21 5.94 37.96
N PHE A 138 -2.60 6.85 38.71
CA PHE A 138 -1.25 6.62 39.22
C PHE A 138 -1.20 5.42 40.18
N ASP A 139 -2.33 5.10 40.82
CA ASP A 139 -2.41 3.87 41.59
C ASP A 139 -2.65 2.67 40.68
N ALA A 140 -3.34 2.87 39.56
CA ALA A 140 -3.52 1.79 38.59
C ALA A 140 -2.20 1.47 37.90
N LEU A 141 -1.48 2.50 37.44
CA LEU A 141 -0.15 2.30 36.88
C LEU A 141 0.75 1.53 37.83
N GLN A 142 0.57 1.78 39.13
CA GLN A 142 1.50 1.29 40.14
C GLN A 142 1.22 -0.17 40.51
N LYS A 143 -0.05 -0.57 40.51
CA LYS A 143 -0.42 -1.97 40.70
C LYS A 143 -0.32 -2.80 39.43
N GLY A 144 0.16 -2.22 38.33
CA GLY A 144 0.33 -2.94 37.09
C GLY A 144 -0.99 -3.35 36.47
N GLN A 145 -1.85 -2.37 36.21
CA GLN A 145 -3.18 -2.63 35.67
C GLN A 145 -3.45 -1.95 34.34
N ILE A 146 -2.68 -0.92 33.98
CA ILE A 146 -2.82 -0.28 32.67
C ILE A 146 -1.98 -1.05 31.66
N HIS A 147 -2.53 -1.29 30.48
CA HIS A 147 -1.87 -2.07 29.45
C HIS A 147 -1.62 -1.24 28.20
N PHE A 148 -0.38 -1.28 27.73
CA PHE A 148 0.04 -0.64 26.48
C PHE A 148 -0.07 -1.66 25.35
N ILE A 149 -1.17 -1.58 24.59
CA ILE A 149 -1.38 -2.46 23.44
C ILE A 149 -0.93 -1.69 22.20
N GLU A 150 0.32 -1.89 21.80
CA GLU A 150 0.75 -1.43 20.49
C GLU A 150 0.09 -2.28 19.41
N MET A 151 -0.09 -1.69 18.24
CA MET A 151 -0.68 -2.40 17.12
C MET A 151 0.22 -2.47 15.89
N GLY A 152 1.25 -1.64 15.78
CA GLY A 152 2.22 -1.77 14.70
C GLY A 152 2.66 -0.47 14.06
N TYR A 153 3.92 -0.45 13.64
CA TYR A 153 4.45 0.63 12.81
C TYR A 153 3.73 0.68 11.48
N GLU A 154 3.23 1.86 11.11
CA GLU A 154 2.61 2.07 9.81
C GLU A 154 3.52 3.00 9.01
N PRO A 155 4.24 2.50 7.99
CA PRO A 155 5.28 3.33 7.37
C PRO A 155 4.75 4.56 6.66
N GLY A 156 3.48 4.56 6.26
CA GLY A 156 2.93 5.73 5.60
C GLY A 156 3.50 5.91 4.20
N TRP A 157 3.14 7.04 3.59
CA TRP A 157 3.54 7.33 2.22
C TRP A 157 4.06 8.75 2.13
N ALA A 158 5.35 8.90 1.81
CA ALA A 158 5.90 10.24 1.62
C ALA A 158 5.19 10.96 0.47
N ALA A 159 4.78 10.20 -0.55
CA ALA A 159 4.02 10.79 -1.66
C ALA A 159 2.71 11.41 -1.19
N LEU A 160 2.21 11.00 -0.02
CA LEU A 160 1.06 11.62 0.60
C LEU A 160 1.44 12.61 1.68
N ARG A 161 2.67 12.52 2.22
CA ARG A 161 3.11 13.47 3.22
C ARG A 161 3.50 14.81 2.60
N ARG A 162 3.89 14.79 1.33
CA ARG A 162 4.11 16.05 0.60
C ARG A 162 2.82 16.83 0.41
N LEU A 163 1.68 16.20 0.63
CA LEU A 163 0.40 16.87 0.44
C LEU A 163 0.17 17.99 1.45
N LYS A 164 0.92 18.01 2.56
CA LYS A 164 0.78 19.12 3.49
C LYS A 164 1.17 20.44 2.84
N LYS A 165 1.93 20.39 1.75
CA LYS A 165 2.44 21.56 1.06
C LYS A 165 1.50 22.07 -0.04
N ILE A 166 0.20 21.78 0.08
CA ILE A 166 -0.85 22.45 -0.67
C ILE A 166 -1.99 22.74 0.31
N MET B 1 24.60 -6.48 11.09
CA MET B 1 23.62 -5.88 10.19
C MET B 1 24.27 -5.60 8.83
N SER B 2 24.23 -6.60 7.95
CA SER B 2 25.04 -6.62 6.74
C SER B 2 24.24 -6.14 5.54
N ARG B 3 24.81 -5.19 4.79
CA ARG B 3 24.18 -4.69 3.58
C ARG B 3 24.21 -5.74 2.49
N VAL B 4 23.08 -5.96 1.83
CA VAL B 4 22.95 -6.97 0.79
C VAL B 4 22.60 -6.28 -0.52
N LEU B 5 23.25 -6.69 -1.59
CA LEU B 5 22.94 -6.21 -2.93
C LEU B 5 22.24 -7.33 -3.69
N LEU B 6 21.16 -6.97 -4.40
CA LEU B 6 20.41 -7.91 -5.21
C LEU B 6 20.32 -7.40 -6.65
N CYS B 7 20.51 -8.32 -7.59
CA CYS B 7 20.49 -7.98 -9.01
C CYS B 7 19.98 -9.16 -9.81
N SER B 8 19.57 -8.87 -11.04
CA SER B 8 19.51 -9.86 -12.11
C SER B 8 20.64 -9.55 -13.09
N ALA B 9 21.16 -10.58 -13.74
CA ALA B 9 22.23 -10.41 -14.70
C ALA B 9 21.86 -11.10 -16.00
N GLY B 10 22.09 -10.42 -17.12
CA GLY B 10 21.81 -10.98 -18.42
C GLY B 10 23.05 -11.11 -19.28
N HIS B 11 22.94 -10.78 -20.57
CA HIS B 11 24.10 -10.78 -21.43
C HIS B 11 25.11 -9.73 -20.97
N SER B 12 24.61 -8.60 -20.46
CA SER B 12 25.46 -7.58 -19.85
C SER B 12 25.67 -7.96 -18.38
N SER B 13 26.73 -8.71 -18.13
CA SER B 13 27.08 -9.06 -16.76
C SER B 13 27.89 -7.95 -16.10
N MET B 14 28.54 -7.11 -16.90
CA MET B 14 29.31 -5.97 -16.40
C MET B 14 28.46 -4.99 -15.61
N VAL B 15 27.13 -5.20 -15.61
CA VAL B 15 26.26 -4.37 -14.79
C VAL B 15 26.53 -4.59 -13.31
N VAL B 16 27.05 -5.76 -12.94
CA VAL B 16 27.12 -6.14 -11.53
C VAL B 16 28.36 -5.55 -10.87
N PRO B 17 29.58 -5.76 -11.37
CA PRO B 17 30.73 -5.10 -10.73
C PRO B 17 30.62 -3.59 -10.74
N GLU B 18 29.88 -3.03 -11.69
CA GLU B 18 29.63 -1.59 -11.69
C GLU B 18 28.72 -1.19 -10.56
N ALA B 19 27.82 -2.07 -10.15
CA ALA B 19 26.81 -1.74 -9.15
C ALA B 19 27.32 -1.95 -7.73
N PHE B 20 28.09 -3.01 -7.50
CA PHE B 20 28.88 -3.13 -6.29
C PHE B 20 29.61 -1.83 -5.99
N HIS B 21 30.24 -1.25 -7.01
CA HIS B 21 30.98 0.00 -6.84
C HIS B 21 30.05 1.19 -6.63
N ALA B 22 28.84 1.13 -7.20
CA ALA B 22 27.94 2.28 -7.29
C ALA B 22 27.42 2.70 -5.92
N VAL B 23 27.86 1.98 -4.89
CA VAL B 23 27.65 2.36 -3.50
C VAL B 23 29.02 2.39 -2.85
N PRO B 24 29.46 3.55 -2.32
CA PRO B 24 30.90 3.73 -2.06
C PRO B 24 31.49 2.77 -1.03
N GLU B 25 30.77 2.52 0.07
CA GLU B 25 31.30 1.62 1.09
C GLU B 25 31.58 0.24 0.51
N GLY B 26 30.65 -0.30 -0.26
CA GLY B 26 30.77 -1.64 -0.79
C GLY B 26 29.56 -2.49 -0.48
N PHE B 27 29.75 -3.79 -0.31
CA PHE B 27 28.67 -4.70 0.07
C PHE B 27 29.28 -5.94 0.70
N GLU B 28 28.54 -6.52 1.63
CA GLU B 28 28.97 -7.76 2.27
C GLU B 28 28.35 -9.00 1.60
N GLU B 29 27.13 -8.88 1.12
CA GLU B 29 26.45 -9.92 0.36
C GLU B 29 26.03 -9.36 -0.99
N VAL B 30 26.40 -10.07 -2.06
CA VAL B 30 25.96 -9.76 -3.41
C VAL B 30 25.34 -11.03 -3.97
N HIS B 31 24.05 -10.97 -4.28
CA HIS B 31 23.31 -12.13 -4.76
C HIS B 31 22.70 -11.81 -6.11
N VAL B 32 22.98 -12.65 -7.08
CA VAL B 32 22.51 -12.46 -8.46
C VAL B 32 21.46 -13.53 -8.76
N PHE B 33 20.46 -13.13 -9.53
CA PHE B 33 19.51 -14.07 -10.12
C PHE B 33 19.65 -14.01 -11.64
N THR B 34 19.53 -15.16 -12.29
CA THR B 34 19.73 -15.22 -13.74
C THR B 34 19.06 -16.48 -14.27
N THR B 35 18.77 -16.47 -15.57
CA THR B 35 18.07 -17.57 -16.22
C THR B 35 19.08 -18.64 -16.63
N ASP B 36 18.63 -19.59 -17.46
CA ASP B 36 19.52 -20.63 -17.97
C ASP B 36 19.86 -20.36 -19.43
N SER B 37 20.45 -19.21 -19.69
CA SER B 37 20.80 -18.79 -21.04
C SER B 37 22.26 -19.13 -21.33
N GLU B 38 22.52 -19.70 -22.50
CA GLU B 38 23.89 -20.03 -22.90
C GLU B 38 24.78 -18.80 -22.88
N LYS B 39 24.21 -17.63 -23.22
CA LYS B 39 24.99 -16.44 -23.47
C LYS B 39 25.57 -15.83 -22.20
N PHE B 40 25.10 -16.26 -21.03
CA PHE B 40 25.67 -15.80 -19.78
C PHE B 40 27.05 -16.42 -19.57
N ASN B 41 27.97 -15.60 -19.10
CA ASN B 41 29.33 -16.05 -18.77
C ASN B 41 29.61 -15.73 -17.31
N PRO B 42 29.60 -16.73 -16.41
CA PRO B 42 29.83 -16.46 -15.00
C PRO B 42 31.30 -16.33 -14.62
N VAL B 43 32.22 -16.54 -15.57
CA VAL B 43 33.64 -16.49 -15.24
C VAL B 43 34.06 -15.07 -14.87
N VAL B 44 33.56 -14.07 -15.60
CA VAL B 44 33.97 -12.70 -15.33
C VAL B 44 33.41 -12.20 -14.00
N LEU B 45 32.20 -12.64 -13.63
CA LEU B 45 31.68 -12.34 -12.30
C LEU B 45 32.47 -13.06 -11.22
N ASN B 46 32.80 -14.33 -11.46
CA ASN B 46 33.48 -15.11 -10.43
C ASN B 46 34.93 -14.67 -10.26
N ASP B 47 35.61 -14.34 -11.36
CA ASP B 47 36.95 -13.77 -11.25
C ASP B 47 36.94 -12.48 -10.44
N PHE B 48 36.02 -11.57 -10.77
CA PHE B 48 35.92 -10.32 -10.02
C PHE B 48 35.64 -10.58 -8.55
N PHE B 49 34.56 -11.30 -8.26
CA PHE B 49 34.15 -11.51 -6.88
C PHE B 49 34.94 -12.58 -6.14
N HIS B 50 35.90 -13.24 -6.78
CA HIS B 50 36.84 -14.05 -6.00
C HIS B 50 37.98 -13.20 -5.46
N SER B 51 38.19 -12.01 -6.04
CA SER B 51 39.19 -11.07 -5.56
C SER B 51 38.70 -10.27 -4.35
N LEU B 52 37.51 -10.54 -3.85
CA LEU B 52 36.95 -9.85 -2.68
C LEU B 52 36.34 -10.89 -1.76
N PRO B 53 37.16 -11.58 -0.96
CA PRO B 53 36.63 -12.68 -0.14
C PRO B 53 35.73 -12.22 1.00
N ASN B 54 35.81 -10.95 1.41
CA ASN B 54 34.89 -10.43 2.41
C ASN B 54 33.45 -10.36 1.91
N VAL B 55 33.22 -10.59 0.63
CA VAL B 55 31.93 -10.36 -0.01
C VAL B 55 31.33 -11.73 -0.34
N ARG B 56 30.37 -12.17 0.47
CA ARG B 56 29.66 -13.39 0.15
C ARG B 56 28.89 -13.21 -1.15
N PHE B 57 29.30 -13.94 -2.19
CA PHE B 57 28.74 -13.82 -3.52
C PHE B 57 28.30 -15.20 -3.99
N SER B 58 27.01 -15.33 -4.29
CA SER B 58 26.47 -16.55 -4.87
C SER B 58 25.59 -16.18 -6.06
N ILE B 59 25.32 -17.18 -6.90
CA ILE B 59 24.51 -17.01 -8.10
C ILE B 59 23.45 -18.10 -8.12
N THR B 60 22.23 -17.72 -8.48
CA THR B 60 21.12 -18.66 -8.64
C THR B 60 20.66 -18.61 -10.09
N LYS B 61 20.74 -19.74 -10.78
CA LYS B 61 20.26 -19.85 -12.15
C LYS B 61 18.90 -20.51 -12.18
N CYS B 62 18.04 -20.04 -13.10
CA CYS B 62 16.66 -20.50 -13.22
C CYS B 62 16.65 -21.77 -14.08
N HIS B 63 16.63 -22.92 -13.42
CA HIS B 63 16.70 -24.20 -14.12
C HIS B 63 15.41 -24.44 -14.90
N GLY B 64 15.53 -24.57 -16.21
CA GLY B 64 14.38 -24.87 -17.05
C GLY B 64 13.74 -23.69 -17.74
N LEU B 65 14.44 -22.56 -17.88
CA LEU B 65 13.92 -21.42 -18.63
C LEU B 65 15.11 -20.71 -19.27
N ALA B 66 15.29 -20.89 -20.58
CA ALA B 66 16.36 -20.20 -21.28
C ALA B 66 16.13 -18.69 -21.26
N ASP B 67 15.02 -18.24 -21.84
CA ASP B 67 14.68 -16.83 -21.89
C ASP B 67 13.18 -16.65 -21.77
N ILE B 68 12.79 -15.44 -21.35
CA ILE B 68 11.39 -15.08 -21.18
C ILE B 68 10.82 -14.76 -22.56
N LEU B 69 9.88 -15.58 -23.02
CA LEU B 69 9.34 -15.46 -24.37
C LEU B 69 7.89 -15.04 -24.33
N ASN B 70 6.99 -15.90 -23.87
CA ASN B 70 5.57 -15.60 -23.82
C ASN B 70 5.16 -15.20 -22.39
N GLU B 71 3.90 -15.38 -22.06
CA GLU B 71 3.41 -15.04 -20.72
C GLU B 71 3.61 -16.18 -19.73
N ARG B 72 3.43 -17.42 -20.18
CA ARG B 72 3.71 -18.58 -19.34
C ARG B 72 5.12 -18.53 -18.77
N ASP B 73 6.11 -18.24 -19.63
CA ASP B 73 7.50 -18.20 -19.17
C ASP B 73 7.73 -17.04 -18.21
N PHE B 74 7.13 -15.89 -18.49
CA PHE B 74 7.27 -14.75 -17.60
C PHE B 74 6.70 -15.05 -16.22
N GLU B 75 5.63 -15.85 -16.16
CA GLU B 75 5.07 -16.25 -14.88
C GLU B 75 6.07 -17.10 -14.09
N PHE B 76 6.73 -18.04 -14.76
CA PHE B 76 7.77 -18.84 -14.11
C PHE B 76 8.89 -17.95 -13.58
N TYR B 77 9.43 -17.08 -14.45
CA TYR B 77 10.45 -16.13 -14.03
C TYR B 77 10.02 -15.35 -12.80
N GLN B 78 8.82 -14.76 -12.84
CA GLN B 78 8.44 -13.84 -11.79
C GLN B 78 8.29 -14.55 -10.44
N GLU B 79 7.59 -15.69 -10.43
CA GLU B 79 7.42 -16.43 -9.19
C GLU B 79 8.77 -16.92 -8.66
N MET B 80 9.60 -17.47 -9.55
CA MET B 80 10.93 -17.91 -9.13
C MET B 80 11.78 -16.74 -8.67
N LEU B 81 11.72 -15.61 -9.39
CA LEU B 81 12.45 -14.42 -8.96
C LEU B 81 11.95 -13.89 -7.62
N TRP B 82 10.63 -13.82 -7.42
CA TRP B 82 10.12 -13.32 -6.16
C TRP B 82 10.45 -14.27 -5.01
N GLN B 83 10.43 -15.58 -5.27
CA GLN B 83 10.74 -16.54 -4.21
C GLN B 83 12.21 -16.42 -3.81
N TRP B 84 13.09 -16.19 -4.78
CA TRP B 84 14.48 -15.86 -4.50
C TRP B 84 14.61 -14.60 -3.65
N TYR B 85 13.69 -13.66 -3.80
CA TYR B 85 13.77 -12.37 -3.11
C TYR B 85 13.64 -12.55 -1.59
N LEU B 86 12.51 -13.11 -1.14
CA LEU B 86 12.29 -13.29 0.28
C LEU B 86 13.26 -14.29 0.91
N THR B 87 14.02 -15.02 0.11
CA THR B 87 14.94 -16.02 0.64
C THR B 87 16.32 -15.45 0.91
N LYS B 88 16.79 -14.50 0.09
CA LYS B 88 18.07 -13.86 0.30
C LYS B 88 17.95 -12.48 0.92
N MET B 89 16.75 -12.13 1.41
CA MET B 89 16.54 -10.86 2.10
C MET B 89 17.08 -10.95 3.52
N PRO B 90 17.82 -9.94 3.99
CA PRO B 90 18.31 -9.97 5.37
C PRO B 90 17.16 -9.89 6.37
N ASP B 91 17.47 -10.24 7.62
CA ASP B 91 16.43 -10.31 8.64
C ASP B 91 16.17 -8.95 9.27
N ASN B 92 17.23 -8.30 9.75
CA ASN B 92 17.12 -7.01 10.42
C ASN B 92 17.25 -5.83 9.48
N GLU B 93 17.32 -6.05 8.18
CA GLU B 93 17.57 -4.97 7.24
C GLU B 93 16.76 -5.18 5.97
N LEU B 94 16.68 -4.12 5.16
CA LEU B 94 16.13 -4.05 3.81
C LEU B 94 17.25 -4.06 2.78
N PRO B 95 17.10 -4.80 1.69
CA PRO B 95 18.19 -4.97 0.73
C PRO B 95 18.30 -3.85 -0.30
N TYR B 96 19.53 -3.64 -0.76
CA TYR B 96 19.77 -2.80 -1.93
C TYR B 96 19.44 -3.59 -3.19
N VAL B 97 18.55 -3.03 -4.01
CA VAL B 97 18.12 -3.66 -5.24
C VAL B 97 18.61 -2.81 -6.41
N CYS B 98 18.98 -3.48 -7.50
CA CYS B 98 19.39 -2.80 -8.72
C CYS B 98 18.68 -3.45 -9.91
N LEU B 99 18.43 -2.64 -10.95
CA LEU B 99 17.50 -2.99 -12.00
C LEU B 99 18.13 -2.86 -13.39
N SER B 100 19.41 -3.17 -13.52
CA SER B 100 20.14 -2.91 -14.77
C SER B 100 20.39 -4.17 -15.58
N GLY B 101 20.50 -5.33 -14.96
CA GLY B 101 20.82 -6.56 -15.66
C GLY B 101 19.57 -7.32 -16.05
N GLY B 102 19.59 -7.89 -17.25
CA GLY B 102 18.44 -8.58 -17.79
C GLY B 102 17.54 -7.66 -18.59
N ILE B 103 16.57 -8.28 -19.27
CA ILE B 103 15.67 -7.54 -20.16
C ILE B 103 14.67 -6.75 -19.32
N LYS B 104 13.72 -6.08 -19.99
CA LYS B 104 12.87 -5.10 -19.31
C LYS B 104 11.74 -5.77 -18.52
N SER B 105 11.24 -6.92 -18.99
CA SER B 105 10.30 -7.66 -18.17
C SER B 105 10.98 -8.19 -16.91
N MET B 106 12.27 -8.50 -16.99
CA MET B 106 13.03 -8.90 -15.81
C MET B 106 13.16 -7.74 -14.83
N SER B 107 13.45 -6.54 -15.34
CA SER B 107 13.75 -5.41 -14.48
C SER B 107 12.51 -4.78 -13.88
N ALA B 108 11.37 -4.83 -14.58
CA ALA B 108 10.14 -4.28 -14.01
C ALA B 108 9.48 -5.25 -13.05
N SER B 109 9.74 -6.55 -13.20
CA SER B 109 9.21 -7.54 -12.28
C SER B 109 10.01 -7.63 -10.98
N LEU B 110 11.29 -7.25 -11.01
CA LEU B 110 12.05 -7.08 -9.78
C LEU B 110 11.76 -5.72 -9.14
N GLN B 111 11.23 -4.77 -9.91
CA GLN B 111 10.90 -3.46 -9.36
C GLN B 111 9.67 -3.52 -8.47
N LYS B 112 8.73 -4.42 -8.77
CA LYS B 112 7.57 -4.60 -7.90
C LYS B 112 7.90 -5.32 -6.61
N ALA B 113 8.82 -6.28 -6.64
CA ALA B 113 9.20 -6.96 -5.41
C ALA B 113 9.86 -5.99 -4.43
N ALA B 114 10.63 -5.03 -4.96
CA ALA B 114 11.24 -4.02 -4.10
C ALA B 114 10.18 -3.14 -3.42
N THR B 115 8.98 -3.06 -4.00
CA THR B 115 7.88 -2.30 -3.39
C THR B 115 7.07 -3.15 -2.42
N LEU B 116 6.89 -4.43 -2.72
CA LEU B 116 6.11 -5.30 -1.85
C LEU B 116 6.88 -5.64 -0.58
N PHE B 117 8.11 -6.13 -0.74
CA PHE B 117 8.91 -6.64 0.35
C PHE B 117 9.89 -5.62 0.90
N GLY B 118 10.16 -4.56 0.16
CA GLY B 118 10.95 -3.47 0.67
C GLY B 118 12.37 -3.47 0.12
N ALA B 119 12.84 -2.29 -0.25
CA ALA B 119 14.22 -2.09 -0.66
C ALA B 119 14.72 -0.79 -0.04
N GLN B 120 15.85 -0.86 0.67
CA GLN B 120 16.45 0.32 1.26
C GLN B 120 16.69 1.39 0.20
N SER B 121 17.28 0.99 -0.93
CA SER B 121 17.49 1.88 -2.05
C SER B 121 17.28 1.10 -3.34
N VAL B 122 16.23 1.43 -4.07
CA VAL B 122 16.12 1.01 -5.46
C VAL B 122 16.94 1.97 -6.31
N PHE B 123 17.75 1.42 -7.21
CA PHE B 123 18.63 2.27 -8.01
C PHE B 123 19.03 1.55 -9.29
N HIS B 124 19.42 2.37 -10.29
CA HIS B 124 19.79 1.92 -11.60
C HIS B 124 21.14 2.56 -11.94
N VAL B 125 22.03 1.80 -12.56
CA VAL B 125 23.37 2.26 -12.89
C VAL B 125 23.45 2.45 -14.39
N LEU B 126 23.69 3.68 -14.83
CA LEU B 126 23.89 4.00 -16.23
C LEU B 126 25.36 4.36 -16.45
N ALA B 127 26.12 3.39 -16.95
CA ALA B 127 27.44 3.70 -17.49
C ALA B 127 27.28 4.31 -18.88
N ASP B 128 28.25 5.13 -19.27
CA ASP B 128 28.12 5.89 -20.50
C ASP B 128 28.67 5.15 -21.72
N ASN B 129 29.71 4.34 -21.56
CA ASN B 129 30.36 3.69 -22.69
C ASN B 129 30.28 2.17 -22.68
N ASN B 130 29.44 1.58 -21.82
CA ASN B 130 29.28 0.13 -21.72
C ASN B 130 30.62 -0.58 -21.57
N PRO B 131 31.28 -0.48 -20.41
CA PRO B 131 32.58 -1.16 -20.23
C PRO B 131 32.44 -2.66 -20.40
N ARG B 132 33.49 -3.27 -21.00
CA ARG B 132 33.44 -4.66 -21.43
C ARG B 132 34.38 -5.59 -20.68
N ASN B 133 35.57 -5.15 -20.31
CA ASN B 133 36.47 -5.94 -19.49
C ASN B 133 36.67 -5.25 -18.14
N ILE B 134 37.26 -5.99 -17.21
CA ILE B 134 37.41 -5.50 -15.84
C ILE B 134 38.23 -4.21 -15.81
N GLU B 135 39.20 -4.10 -16.71
CA GLU B 135 40.10 -2.95 -16.68
C GLU B 135 39.49 -1.72 -17.33
N GLU B 136 38.56 -1.88 -18.28
CA GLU B 136 37.81 -0.74 -18.77
C GLU B 136 37.00 -0.10 -17.66
N MET B 137 36.15 -0.91 -17.00
CA MET B 137 35.29 -0.41 -15.95
C MET B 137 36.06 0.28 -14.84
N PHE B 138 37.27 -0.22 -14.53
CA PHE B 138 38.10 0.46 -13.54
C PHE B 138 38.56 1.82 -14.06
N ASP B 139 38.95 1.89 -15.34
CA ASP B 139 39.30 3.18 -15.92
C ASP B 139 38.07 4.04 -16.18
N ALA B 140 36.89 3.43 -16.32
CA ALA B 140 35.67 4.20 -16.48
C ALA B 140 35.22 4.80 -15.16
N LEU B 141 35.28 4.00 -14.08
CA LEU B 141 34.95 4.51 -12.76
C LEU B 141 35.88 5.66 -12.36
N GLN B 142 37.11 5.66 -12.89
CA GLN B 142 38.09 6.68 -12.48
C GLN B 142 37.81 8.02 -13.16
N LYS B 143 37.39 8.01 -14.42
CA LYS B 143 36.98 9.24 -15.07
C LYS B 143 35.66 9.78 -14.53
N GLY B 144 34.98 9.05 -13.64
CA GLY B 144 33.70 9.48 -13.15
C GLY B 144 32.57 9.32 -14.15
N GLN B 145 32.68 8.35 -15.05
CA GLN B 145 31.73 8.20 -16.14
C GLN B 145 30.53 7.34 -15.77
N ILE B 146 30.66 6.47 -14.78
CA ILE B 146 29.54 5.65 -14.33
C ILE B 146 28.66 6.49 -13.41
N HIS B 147 27.37 6.54 -13.71
CA HIS B 147 26.41 7.29 -12.93
C HIS B 147 25.51 6.34 -12.13
N PHE B 148 25.15 6.78 -10.93
CA PHE B 148 24.40 5.99 -9.96
C PHE B 148 23.06 6.68 -9.74
N ILE B 149 22.03 6.21 -10.46
CA ILE B 149 20.70 6.82 -10.40
C ILE B 149 19.92 6.13 -9.29
N GLU B 150 19.81 6.80 -8.14
CA GLU B 150 19.00 6.29 -7.04
C GLU B 150 17.53 6.54 -7.34
N MET B 151 16.68 5.61 -6.92
CA MET B 151 15.28 5.61 -7.33
C MET B 151 14.32 5.46 -6.14
N GLY B 152 14.80 5.61 -4.91
CA GLY B 152 13.77 5.74 -3.87
C GLY B 152 13.78 4.65 -2.82
N TYR B 153 13.66 5.09 -1.57
CA TYR B 153 13.41 4.16 -0.47
C TYR B 153 12.01 3.58 -0.59
N GLU B 154 11.86 2.32 -0.22
CA GLU B 154 10.60 1.62 -0.32
C GLU B 154 10.26 0.98 1.02
N PRO B 155 9.23 1.45 1.72
CA PRO B 155 8.92 0.90 3.04
C PRO B 155 8.51 -0.55 3.03
N GLY B 156 8.07 -1.09 1.89
CA GLY B 156 7.57 -2.45 1.84
C GLY B 156 6.35 -2.64 2.72
N TRP B 157 6.03 -3.92 2.97
CA TRP B 157 4.93 -4.25 3.86
C TRP B 157 5.32 -5.42 4.76
N ALA B 158 4.95 -5.32 6.03
CA ALA B 158 5.35 -6.31 7.03
C ALA B 158 4.70 -7.66 6.76
N ALA B 159 3.38 -7.67 6.58
CA ALA B 159 2.66 -8.92 6.34
C ALA B 159 3.17 -9.60 5.06
N LEU B 160 3.46 -8.80 4.02
CA LEU B 160 4.03 -9.37 2.80
C LEU B 160 5.39 -10.01 3.06
N ARG B 161 6.13 -9.49 4.04
CA ARG B 161 7.46 -10.03 4.35
C ARG B 161 7.37 -11.31 5.17
N ARG B 162 6.43 -11.38 6.12
CA ARG B 162 6.29 -12.59 6.95
C ARG B 162 5.68 -13.73 6.13
N LEU B 163 5.42 -13.48 4.85
CA LEU B 163 5.11 -14.57 3.94
C LEU B 163 6.30 -15.51 3.75
N LYS B 164 7.50 -15.09 4.15
CA LYS B 164 8.69 -15.92 3.99
C LYS B 164 8.74 -17.10 4.95
N LYS B 165 7.87 -17.14 5.97
CA LYS B 165 7.81 -18.23 6.94
C LYS B 165 6.69 -19.23 6.63
N ILE B 166 6.37 -19.41 5.35
CA ILE B 166 5.36 -20.35 4.90
C ILE B 166 5.65 -20.79 3.46
N MET C 1 -22.85 -14.87 -7.16
CA MET C 1 -21.90 -14.18 -6.29
C MET C 1 -22.62 -13.72 -5.01
N SER C 2 -21.95 -13.90 -3.86
CA SER C 2 -22.58 -13.75 -2.56
C SER C 2 -22.09 -12.49 -1.86
N ARG C 3 -23.02 -11.61 -1.51
CA ARG C 3 -22.73 -10.44 -0.68
C ARG C 3 -22.68 -10.89 0.77
N VAL C 4 -21.47 -11.02 1.31
CA VAL C 4 -21.23 -11.59 2.63
C VAL C 4 -21.02 -10.47 3.63
N LEU C 5 -21.52 -10.67 4.85
CA LEU C 5 -21.40 -9.67 5.91
C LEU C 5 -20.59 -10.27 7.07
N LEU C 6 -19.45 -9.66 7.36
CA LEU C 6 -18.60 -10.06 8.46
C LEU C 6 -18.74 -9.07 9.61
N CYS C 7 -18.82 -9.59 10.83
CA CYS C 7 -19.05 -8.74 11.99
C CYS C 7 -18.30 -9.28 13.20
N SER C 8 -18.01 -8.37 14.14
CA SER C 8 -17.60 -8.71 15.49
C SER C 8 -18.69 -8.22 16.44
N ALA C 9 -19.15 -9.10 17.32
CA ALA C 9 -20.24 -8.80 18.25
C ALA C 9 -19.78 -8.96 19.69
N GLY C 10 -20.19 -8.03 20.54
CA GLY C 10 -19.90 -8.12 21.96
C GLY C 10 -21.12 -8.44 22.80
N HIS C 11 -21.23 -7.82 23.97
CA HIS C 11 -22.44 -7.98 24.78
C HIS C 11 -23.66 -7.53 23.99
N SER C 12 -23.66 -6.26 23.57
CA SER C 12 -24.75 -5.72 22.76
C SER C 12 -24.82 -6.41 21.41
N SER C 13 -25.61 -7.47 21.31
CA SER C 13 -25.76 -8.22 20.07
C SER C 13 -26.64 -7.52 19.05
N MET C 14 -27.30 -6.43 19.45
CA MET C 14 -28.22 -5.74 18.55
C MET C 14 -27.53 -5.13 17.34
N VAL C 15 -26.19 -5.10 17.32
CA VAL C 15 -25.47 -4.43 16.24
C VAL C 15 -25.60 -5.19 14.92
N VAL C 16 -25.80 -6.50 14.97
CA VAL C 16 -25.88 -7.32 13.76
C VAL C 16 -27.24 -7.14 13.08
N PRO C 17 -28.37 -7.12 13.80
CA PRO C 17 -29.64 -6.78 13.13
C PRO C 17 -29.64 -5.38 12.52
N GLU C 18 -28.73 -4.51 12.95
CA GLU C 18 -28.64 -3.15 12.44
C GLU C 18 -27.70 -3.02 11.25
N ALA C 19 -26.70 -3.91 11.13
CA ALA C 19 -25.78 -3.88 10.01
C ALA C 19 -26.32 -4.61 8.79
N PHE C 20 -27.31 -5.48 8.96
CA PHE C 20 -27.92 -6.18 7.84
C PHE C 20 -28.94 -5.27 7.13
N HIS C 21 -29.57 -4.35 7.88
CA HIS C 21 -30.53 -3.41 7.30
C HIS C 21 -29.84 -2.25 6.62
N ALA C 22 -28.63 -1.89 7.06
CA ALA C 22 -27.90 -0.74 6.56
C ALA C 22 -27.45 -0.89 5.10
N VAL C 23 -27.65 -2.04 4.47
CA VAL C 23 -27.35 -2.19 3.05
C VAL C 23 -28.64 -2.61 2.35
N PRO C 24 -29.29 -1.73 1.59
CA PRO C 24 -30.71 -1.93 1.24
C PRO C 24 -31.03 -3.24 0.56
N GLU C 25 -30.19 -3.69 -0.38
CA GLU C 25 -30.52 -4.91 -1.12
C GLU C 25 -30.68 -6.10 -0.20
N GLY C 26 -29.87 -6.17 0.86
CA GLY C 26 -29.88 -7.34 1.72
C GLY C 26 -28.52 -7.98 1.81
N PHE C 27 -28.46 -9.27 2.16
CA PHE C 27 -27.22 -10.03 2.16
C PHE C 27 -27.53 -11.50 1.97
N GLU C 28 -26.50 -12.26 1.62
CA GLU C 28 -26.64 -13.71 1.51
C GLU C 28 -26.04 -14.40 2.73
N GLU C 29 -24.73 -14.25 2.94
CA GLU C 29 -24.09 -14.79 4.13
C GLU C 29 -23.98 -13.72 5.20
N VAL C 30 -24.11 -14.15 6.45
CA VAL C 30 -23.84 -13.31 7.61
C VAL C 30 -23.03 -14.15 8.59
N HIS C 31 -21.79 -13.75 8.83
CA HIS C 31 -20.91 -14.41 9.78
C HIS C 31 -20.53 -13.43 10.88
N VAL C 32 -20.45 -13.94 12.11
CA VAL C 32 -20.26 -13.11 13.29
C VAL C 32 -19.15 -13.73 14.12
N PHE C 33 -18.10 -12.95 14.38
CA PHE C 33 -16.98 -13.38 15.22
C PHE C 33 -17.11 -12.74 16.60
N THR C 34 -17.32 -13.56 17.62
CA THR C 34 -17.46 -13.10 18.99
C THR C 34 -16.57 -13.93 19.90
N THR C 35 -16.34 -13.40 21.11
CA THR C 35 -15.60 -14.14 22.12
C THR C 35 -16.53 -15.14 22.82
N ASP C 36 -15.93 -16.12 23.48
CA ASP C 36 -16.71 -17.07 24.28
C ASP C 36 -17.03 -16.46 25.65
N SER C 37 -17.48 -15.21 25.66
CA SER C 37 -17.92 -14.57 26.88
C SER C 37 -19.39 -14.89 27.11
N GLU C 38 -19.73 -15.28 28.34
CA GLU C 38 -21.11 -15.63 28.63
C GLU C 38 -22.05 -14.44 28.47
N LYS C 39 -21.52 -13.22 28.45
CA LYS C 39 -22.32 -12.03 28.14
C LYS C 39 -22.74 -11.94 26.68
N PHE C 40 -22.27 -12.84 25.81
CA PHE C 40 -22.78 -12.90 24.46
C PHE C 40 -24.15 -13.56 24.45
N ASN C 41 -25.14 -12.88 23.87
CA ASN C 41 -26.49 -13.40 23.85
C ASN C 41 -26.79 -13.98 22.46
N PRO C 42 -26.76 -15.31 22.29
CA PRO C 42 -27.04 -15.88 20.97
C PRO C 42 -28.51 -15.80 20.59
N VAL C 43 -29.39 -15.57 21.55
CA VAL C 43 -30.83 -15.72 21.32
C VAL C 43 -31.38 -14.57 20.49
N VAL C 44 -30.95 -13.33 20.76
CA VAL C 44 -31.44 -12.17 20.01
C VAL C 44 -31.11 -12.28 18.53
N LEU C 45 -30.09 -13.06 18.17
CA LEU C 45 -29.71 -13.23 16.78
C LEU C 45 -30.28 -14.48 16.15
N ASN C 46 -30.57 -15.51 16.94
CA ASN C 46 -31.18 -16.72 16.39
C ASN C 46 -32.69 -16.59 16.22
N ASP C 47 -33.32 -15.60 16.85
CA ASP C 47 -34.70 -15.27 16.53
C ASP C 47 -34.81 -14.46 15.25
N PHE C 48 -33.79 -13.64 14.97
CA PHE C 48 -33.85 -12.67 13.88
C PHE C 48 -33.60 -13.31 12.53
N PHE C 49 -32.60 -14.18 12.43
CA PHE C 49 -32.29 -14.85 11.18
C PHE C 49 -33.10 -16.13 10.96
N HIS C 50 -33.87 -16.57 11.96
CA HIS C 50 -34.82 -17.65 11.70
C HIS C 50 -36.06 -17.15 10.96
N SER C 51 -36.21 -15.83 10.83
CA SER C 51 -37.21 -15.23 9.96
C SER C 51 -36.62 -14.78 8.63
N LEU C 52 -35.36 -15.13 8.37
CA LEU C 52 -34.73 -14.90 7.06
C LEU C 52 -33.91 -16.12 6.67
N PRO C 53 -34.56 -17.28 6.47
CA PRO C 53 -33.81 -18.50 6.21
C PRO C 53 -33.10 -18.50 4.88
N ASN C 54 -33.31 -17.49 4.04
CA ASN C 54 -32.53 -17.30 2.83
C ASN C 54 -31.19 -16.63 3.10
N VAL C 55 -30.76 -16.62 4.35
CA VAL C 55 -29.50 -16.00 4.78
C VAL C 55 -28.71 -17.08 5.53
N ARG C 56 -27.67 -17.61 4.89
CA ARG C 56 -26.81 -18.57 5.58
C ARG C 56 -26.09 -17.86 6.73
N PHE C 57 -26.50 -18.16 7.95
CA PHE C 57 -26.06 -17.44 9.14
C PHE C 57 -25.13 -18.30 9.96
N SER C 58 -24.13 -17.68 10.58
CA SER C 58 -23.12 -18.40 11.34
C SER C 58 -22.64 -17.55 12.52
N ILE C 59 -22.21 -18.21 13.58
CA ILE C 59 -21.56 -17.56 14.72
C ILE C 59 -20.36 -18.41 15.12
N THR C 60 -19.16 -17.85 15.03
CA THR C 60 -17.96 -18.49 15.55
C THR C 60 -17.68 -17.93 16.94
N LYS C 61 -17.61 -18.81 17.93
CA LYS C 61 -17.08 -18.46 19.24
C LYS C 61 -15.61 -18.82 19.29
N CYS C 62 -14.78 -17.89 19.73
CA CYS C 62 -13.40 -18.23 20.06
C CYS C 62 -13.41 -18.88 21.43
N HIS C 63 -13.47 -20.21 21.43
CA HIS C 63 -13.41 -20.97 22.67
C HIS C 63 -12.18 -20.57 23.46
N GLY C 64 -12.36 -20.37 24.76
CA GLY C 64 -11.23 -20.12 25.64
C GLY C 64 -10.75 -18.69 25.70
N LEU C 65 -11.47 -17.74 25.11
CA LEU C 65 -11.20 -16.32 25.33
C LEU C 65 -12.52 -15.62 25.62
N ALA C 66 -12.49 -14.72 26.60
CA ALA C 66 -13.70 -14.03 27.04
C ALA C 66 -13.52 -12.52 26.95
N ASP C 67 -12.55 -11.99 27.70
CA ASP C 67 -12.27 -10.56 27.71
C ASP C 67 -10.80 -10.31 27.37
N ILE C 68 -10.56 -9.62 26.27
CA ILE C 68 -9.20 -9.22 25.89
C ILE C 68 -8.73 -8.20 26.93
N LEU C 69 -7.79 -8.61 27.78
CA LEU C 69 -7.38 -7.75 28.89
C LEU C 69 -5.91 -7.35 28.86
N ASN C 70 -5.02 -8.16 28.26
CA ASN C 70 -3.60 -7.82 28.23
C ASN C 70 -3.07 -8.09 26.83
N GLU C 71 -1.74 -7.98 26.68
CA GLU C 71 -1.12 -8.01 25.36
C GLU C 71 -1.15 -9.40 24.74
N ARG C 72 -1.10 -10.46 25.56
CA ARG C 72 -1.14 -11.81 25.02
C ARG C 72 -2.52 -12.15 24.48
N ASP C 73 -3.58 -11.70 25.17
CA ASP C 73 -4.94 -12.00 24.74
C ASP C 73 -5.24 -11.38 23.37
N PHE C 74 -4.71 -10.17 23.14
CA PHE C 74 -4.93 -9.52 21.86
C PHE C 74 -4.11 -10.18 20.75
N GLU C 75 -2.88 -10.60 21.07
CA GLU C 75 -2.12 -11.42 20.13
C GLU C 75 -2.85 -12.72 19.83
N PHE C 76 -3.51 -13.30 20.85
CA PHE C 76 -4.34 -14.46 20.63
C PHE C 76 -5.61 -14.11 19.88
N TYR C 77 -6.17 -12.92 20.10
CA TYR C 77 -7.40 -12.52 19.43
C TYR C 77 -7.15 -12.17 17.96
N GLN C 78 -6.30 -11.16 17.72
CA GLN C 78 -6.01 -10.71 16.36
C GLN C 78 -5.75 -11.86 15.40
N GLU C 79 -4.92 -12.82 15.83
CA GLU C 79 -4.60 -13.96 14.99
C GLU C 79 -5.84 -14.79 14.68
N MET C 80 -6.66 -15.05 15.71
CA MET C 80 -7.87 -15.84 15.51
C MET C 80 -8.86 -15.11 14.61
N LEU C 81 -9.05 -13.81 14.84
CA LEU C 81 -9.87 -13.00 13.95
C LEU C 81 -9.35 -13.07 12.51
N TRP C 82 -8.06 -12.82 12.33
CA TRP C 82 -7.51 -12.74 10.98
C TRP C 82 -7.67 -14.06 10.23
N GLN C 83 -7.58 -15.19 10.94
CA GLN C 83 -7.85 -16.48 10.30
C GLN C 83 -9.31 -16.57 9.86
N TRP C 84 -10.24 -16.30 10.79
CA TRP C 84 -11.66 -16.34 10.48
C TRP C 84 -12.00 -15.48 9.28
N TYR C 85 -11.27 -14.37 9.08
CA TYR C 85 -11.61 -13.42 8.03
C TYR C 85 -11.31 -13.98 6.65
N LEU C 86 -10.19 -14.68 6.50
CA LEU C 86 -9.82 -15.22 5.20
C LEU C 86 -10.78 -16.35 4.79
N THR C 87 -11.18 -17.18 5.75
CA THR C 87 -12.07 -18.30 5.42
C THR C 87 -13.44 -17.80 4.98
N LYS C 88 -14.15 -17.10 5.89
CA LYS C 88 -15.50 -16.63 5.58
C LYS C 88 -15.52 -15.65 4.41
N MET C 89 -14.39 -15.08 4.04
CA MET C 89 -14.34 -14.21 2.86
C MET C 89 -14.83 -14.99 1.64
N PRO C 90 -15.65 -14.37 0.79
CA PRO C 90 -16.01 -15.04 -0.48
C PRO C 90 -14.78 -15.23 -1.35
N ASP C 91 -14.92 -16.11 -2.34
CA ASP C 91 -13.79 -16.48 -3.18
C ASP C 91 -13.68 -15.61 -4.42
N ASN C 92 -14.78 -15.06 -4.91
CA ASN C 92 -14.79 -14.18 -6.06
C ASN C 92 -15.11 -12.74 -5.70
N GLU C 93 -15.18 -12.42 -4.40
CA GLU C 93 -15.71 -11.13 -3.98
C GLU C 93 -15.07 -10.70 -2.67
N LEU C 94 -14.93 -9.39 -2.51
CA LEU C 94 -14.63 -8.80 -1.22
C LEU C 94 -15.90 -8.74 -0.39
N PRO C 95 -15.78 -8.83 0.94
CA PRO C 95 -16.97 -8.82 1.79
C PRO C 95 -17.34 -7.42 2.27
N TYR C 96 -18.57 -7.32 2.81
CA TYR C 96 -18.98 -6.15 3.57
C TYR C 96 -18.66 -6.37 5.04
N VAL C 97 -17.96 -5.41 5.64
CA VAL C 97 -17.46 -5.53 7.01
C VAL C 97 -18.12 -4.45 7.86
N CYS C 98 -18.46 -4.80 9.09
CA CYS C 98 -19.02 -3.88 10.07
C CYS C 98 -18.09 -3.80 11.27
N LEU C 99 -17.70 -2.58 11.64
CA LEU C 99 -16.72 -2.34 12.69
C LEU C 99 -17.36 -2.00 14.04
N SER C 100 -18.68 -2.12 14.17
CA SER C 100 -19.37 -1.50 15.28
C SER C 100 -19.19 -2.28 16.58
N GLY C 101 -19.39 -3.59 16.53
CA GLY C 101 -19.50 -4.37 17.75
C GLY C 101 -18.17 -4.65 18.44
N GLY C 102 -18.28 -5.12 19.68
CA GLY C 102 -17.12 -5.48 20.49
C GLY C 102 -16.58 -4.35 21.34
N ILE C 103 -15.30 -4.43 21.68
CA ILE C 103 -14.58 -3.33 22.29
C ILE C 103 -13.63 -2.73 21.24
N LYS C 104 -13.08 -1.55 21.55
CA LYS C 104 -12.32 -0.82 20.54
C LYS C 104 -11.12 -1.60 20.03
N SER C 105 -10.51 -2.42 20.88
CA SER C 105 -9.38 -3.23 20.42
C SER C 105 -9.83 -4.39 19.53
N MET C 106 -11.11 -4.77 19.61
CA MET C 106 -11.65 -5.72 18.63
C MET C 106 -11.83 -5.07 17.27
N SER C 107 -12.21 -3.79 17.26
CA SER C 107 -12.66 -3.12 16.03
C SER C 107 -11.53 -2.50 15.23
N ALA C 108 -10.39 -2.20 15.86
CA ALA C 108 -9.27 -1.66 15.10
C ALA C 108 -8.44 -2.76 14.45
N SER C 109 -8.38 -3.95 15.07
CA SER C 109 -7.73 -5.09 14.42
C SER C 109 -8.56 -5.59 13.24
N LEU C 110 -9.88 -5.34 13.25
CA LEU C 110 -10.74 -5.68 12.13
C LEU C 110 -10.60 -4.69 10.99
N GLN C 111 -10.29 -3.43 11.30
CA GLN C 111 -9.98 -2.46 10.25
C GLN C 111 -8.73 -2.89 9.49
N LYS C 112 -7.77 -3.52 10.17
CA LYS C 112 -6.54 -3.92 9.52
C LYS C 112 -6.75 -5.11 8.58
N ALA C 113 -7.61 -6.05 8.97
CA ALA C 113 -7.87 -7.20 8.12
C ALA C 113 -8.54 -6.80 6.81
N ALA C 114 -9.50 -5.87 6.89
CA ALA C 114 -10.17 -5.37 5.69
C ALA C 114 -9.20 -4.65 4.77
N THR C 115 -8.25 -3.90 5.33
CA THR C 115 -7.24 -3.24 4.52
C THR C 115 -6.22 -4.24 3.97
N LEU C 116 -5.91 -5.29 4.73
CA LEU C 116 -4.92 -6.27 4.28
C LEU C 116 -5.52 -7.33 3.36
N PHE C 117 -6.80 -7.68 3.54
CA PHE C 117 -7.43 -8.74 2.76
C PHE C 117 -8.52 -8.25 1.83
N GLY C 118 -8.83 -6.95 1.84
CA GLY C 118 -9.83 -6.40 0.96
C GLY C 118 -11.23 -6.36 1.56
N ALA C 119 -12.02 -5.33 1.23
CA ALA C 119 -13.39 -5.24 1.73
C ALA C 119 -14.20 -4.37 0.77
N GLN C 120 -15.35 -4.87 0.33
CA GLN C 120 -16.15 -4.14 -0.65
C GLN C 120 -16.53 -2.77 -0.12
N SER C 121 -16.96 -2.70 1.15
CA SER C 121 -17.31 -1.44 1.78
C SER C 121 -17.18 -1.64 3.29
N VAL C 122 -16.05 -1.20 3.85
CA VAL C 122 -15.93 -1.10 5.29
C VAL C 122 -16.87 -0.01 5.77
N PHE C 123 -17.74 -0.36 6.73
CA PHE C 123 -18.73 0.60 7.16
C PHE C 123 -18.96 0.51 8.66
N HIS C 124 -19.45 1.62 9.22
CA HIS C 124 -19.75 1.76 10.63
C HIS C 124 -21.21 2.21 10.75
N VAL C 125 -21.86 1.77 11.82
CA VAL C 125 -23.29 1.97 12.02
C VAL C 125 -23.51 2.76 13.30
N LEU C 126 -24.27 3.85 13.20
CA LEU C 126 -24.60 4.70 14.34
C LEU C 126 -26.11 4.77 14.53
N ALA C 127 -26.52 4.94 15.79
CA ALA C 127 -27.92 5.06 16.17
C ALA C 127 -28.10 6.19 17.17
N ASP C 128 -29.34 6.63 17.31
CA ASP C 128 -29.63 7.82 18.09
C ASP C 128 -29.92 7.50 19.56
N ASN C 129 -30.74 6.49 19.84
CA ASN C 129 -31.11 6.14 21.20
C ASN C 129 -30.71 4.72 21.61
N ASN C 130 -29.96 4.01 20.77
CA ASN C 130 -29.44 2.67 21.03
C ASN C 130 -30.58 1.67 21.19
N PRO C 131 -31.05 1.07 20.10
CA PRO C 131 -32.13 0.07 20.23
C PRO C 131 -31.67 -1.16 20.99
N ARG C 132 -32.56 -1.66 21.85
CA ARG C 132 -32.23 -2.80 22.70
C ARG C 132 -32.91 -4.10 22.30
N ASN C 133 -33.95 -4.06 21.48
CA ASN C 133 -34.64 -5.25 21.00
C ASN C 133 -35.07 -5.02 19.56
N ILE C 134 -35.85 -5.96 19.02
CA ILE C 134 -36.14 -5.96 17.60
C ILE C 134 -37.19 -4.91 17.24
N GLU C 135 -38.18 -4.70 18.11
CA GLU C 135 -39.14 -3.61 17.86
C GLU C 135 -38.46 -2.26 17.90
N GLU C 136 -37.64 -2.01 18.93
CA GLU C 136 -36.95 -0.73 19.05
C GLU C 136 -36.17 -0.40 17.80
N MET C 137 -35.41 -1.37 17.30
CA MET C 137 -34.64 -1.15 16.08
C MET C 137 -35.52 -1.09 14.84
N PHE C 138 -36.69 -1.71 14.86
CA PHE C 138 -37.58 -1.62 13.71
C PHE C 138 -38.31 -0.29 13.67
N ASP C 139 -38.80 0.19 14.81
CA ASP C 139 -39.49 1.48 14.83
C ASP C 139 -38.49 2.63 14.71
N ALA C 140 -37.26 2.44 15.16
CA ALA C 140 -36.22 3.46 14.96
C ALA C 140 -35.66 3.44 13.55
N LEU C 141 -35.72 2.30 12.86
CA LEU C 141 -35.50 2.30 11.43
C LEU C 141 -36.59 3.07 10.71
N GLN C 142 -37.80 3.05 11.26
CA GLN C 142 -38.98 3.57 10.58
C GLN C 142 -39.06 5.10 10.62
N LYS C 143 -38.51 5.72 11.67
CA LYS C 143 -38.49 7.17 11.82
C LYS C 143 -37.18 7.78 11.33
N GLY C 144 -36.32 6.99 10.68
CA GLY C 144 -35.10 7.50 10.10
C GLY C 144 -33.99 7.80 11.08
N GLN C 145 -33.88 7.03 12.14
CA GLN C 145 -32.95 7.32 13.24
C GLN C 145 -31.86 6.26 13.37
N ILE C 146 -31.37 5.76 12.24
CA ILE C 146 -30.15 4.97 12.17
C ILE C 146 -29.41 5.40 10.91
N HIS C 147 -28.24 6.01 11.07
CA HIS C 147 -27.41 6.40 9.95
C HIS C 147 -26.24 5.43 9.78
N PHE C 148 -25.85 5.25 8.53
CA PHE C 148 -24.82 4.29 8.12
C PHE C 148 -23.59 5.08 7.69
N ILE C 149 -22.48 4.85 8.37
CA ILE C 149 -21.22 5.54 8.06
C ILE C 149 -20.37 4.61 7.22
N GLU C 150 -20.19 4.96 5.95
CA GLU C 150 -19.29 4.26 5.05
C GLU C 150 -17.89 4.85 5.18
N MET C 151 -16.86 4.00 5.09
CA MET C 151 -15.48 4.47 5.15
C MET C 151 -14.69 4.24 3.88
N GLY C 152 -15.16 3.37 2.98
CA GLY C 152 -14.57 3.25 1.65
C GLY C 152 -14.04 1.88 1.27
N TYR C 153 -14.19 1.53 0.00
CA TYR C 153 -13.62 0.34 -0.63
C TYR C 153 -12.20 0.07 -0.15
N GLU C 154 -11.81 -1.19 -0.07
CA GLU C 154 -10.46 -1.58 0.36
C GLU C 154 -9.92 -2.59 -0.64
N PRO C 155 -8.89 -2.24 -1.43
CA PRO C 155 -8.44 -3.17 -2.49
C PRO C 155 -7.79 -4.42 -1.95
N GLY C 156 -7.13 -4.36 -0.80
CA GLY C 156 -6.51 -5.55 -0.25
C GLY C 156 -5.29 -6.00 -1.03
N TRP C 157 -4.93 -7.26 -0.81
CA TRP C 157 -3.76 -7.88 -1.43
C TRP C 157 -4.15 -9.26 -1.95
N ALA C 158 -4.16 -9.41 -3.28
CA ALA C 158 -4.50 -10.70 -3.87
C ALA C 158 -3.56 -11.79 -3.39
N ALA C 159 -2.29 -11.45 -3.18
CA ALA C 159 -1.34 -12.42 -2.66
C ALA C 159 -1.71 -12.83 -1.24
N LEU C 160 -2.08 -11.87 -0.39
CA LEU C 160 -2.39 -12.19 1.00
C LEU C 160 -3.70 -12.95 1.14
N ARG C 161 -4.56 -12.93 0.12
CA ARG C 161 -5.79 -13.72 0.17
C ARG C 161 -5.54 -15.19 -0.13
N ARG C 162 -4.44 -15.52 -0.81
CA ARG C 162 -4.09 -16.91 -1.05
C ARG C 162 -3.66 -17.64 0.21
N LEU C 163 -3.51 -16.93 1.33
CA LEU C 163 -3.07 -17.56 2.56
C LEU C 163 -4.08 -18.58 3.07
N LYS C 164 -5.35 -18.43 2.68
CA LYS C 164 -6.37 -19.40 3.07
C LYS C 164 -6.18 -20.76 2.42
N LYS C 165 -5.28 -20.86 1.44
CA LYS C 165 -4.86 -22.17 0.92
C LYS C 165 -3.78 -22.82 1.78
N ILE C 166 -3.29 -22.13 2.81
CA ILE C 166 -2.26 -22.69 3.68
C ILE C 166 -2.57 -22.37 5.14
N MET D 1 -17.30 5.68 -22.00
CA MET D 1 -16.11 5.71 -21.15
C MET D 1 -14.88 5.34 -21.99
N SER D 2 -13.79 6.10 -21.81
CA SER D 2 -12.65 6.07 -22.70
C SER D 2 -11.50 5.24 -22.13
N ARG D 3 -10.90 4.42 -23.00
CA ARG D 3 -9.71 3.64 -22.68
C ARG D 3 -8.50 4.40 -23.21
N VAL D 4 -7.79 5.06 -22.32
CA VAL D 4 -6.60 5.80 -22.69
C VAL D 4 -5.39 4.90 -22.51
N LEU D 5 -4.48 4.97 -23.47
CA LEU D 5 -3.23 4.24 -23.42
C LEU D 5 -2.10 5.24 -23.22
N LEU D 6 -1.19 4.94 -22.29
CA LEU D 6 -0.04 5.77 -21.99
C LEU D 6 1.24 5.00 -22.26
N CYS D 7 2.18 5.65 -22.94
CA CYS D 7 3.44 5.03 -23.32
C CYS D 7 4.56 6.05 -23.21
N SER D 8 5.77 5.55 -22.96
CA SER D 8 6.97 6.32 -23.20
C SER D 8 7.53 5.93 -24.57
N ALA D 9 8.60 6.60 -24.99
CA ALA D 9 9.18 6.32 -26.30
C ALA D 9 10.57 6.92 -26.36
N GLY D 10 11.38 6.41 -27.29
CA GLY D 10 12.72 6.89 -27.50
C GLY D 10 13.16 6.74 -28.94
N HIS D 11 14.00 5.75 -29.22
CA HIS D 11 14.45 5.50 -30.59
C HIS D 11 13.52 4.51 -31.29
N SER D 12 13.37 3.31 -30.73
CA SER D 12 12.50 2.30 -31.30
C SER D 12 11.06 2.78 -31.32
N SER D 13 10.62 3.33 -32.46
CA SER D 13 9.31 3.95 -32.61
C SER D 13 8.24 2.96 -33.09
N MET D 14 8.40 1.67 -32.79
CA MET D 14 7.46 0.66 -33.26
C MET D 14 6.60 0.06 -32.15
N VAL D 15 6.90 0.34 -30.89
CA VAL D 15 6.16 -0.30 -29.80
C VAL D 15 4.79 0.32 -29.62
N VAL D 16 4.61 1.61 -29.97
CA VAL D 16 3.31 2.26 -29.77
C VAL D 16 2.24 1.61 -30.62
N PRO D 17 2.46 1.29 -31.90
CA PRO D 17 1.44 0.54 -32.66
C PRO D 17 1.28 -0.90 -32.20
N GLU D 18 2.39 -1.55 -31.85
CA GLU D 18 2.33 -2.94 -31.37
C GLU D 18 1.49 -3.05 -30.11
N ALA D 19 1.69 -2.14 -29.16
CA ALA D 19 0.89 -2.11 -27.92
C ALA D 19 -0.52 -1.61 -28.16
N PHE D 20 -0.72 -0.76 -29.17
CA PHE D 20 -2.07 -0.31 -29.51
C PHE D 20 -2.98 -1.50 -29.81
N HIS D 21 -2.44 -2.54 -30.45
CA HIS D 21 -3.22 -3.71 -30.80
C HIS D 21 -3.29 -4.74 -29.67
N ALA D 22 -2.47 -4.59 -28.62
CA ALA D 22 -2.46 -5.49 -27.47
C ALA D 22 -3.75 -5.45 -26.66
N VAL D 23 -4.68 -4.55 -26.95
CA VAL D 23 -6.02 -4.60 -26.35
C VAL D 23 -7.00 -4.71 -27.51
N PRO D 24 -7.64 -5.87 -27.70
CA PRO D 24 -8.25 -6.19 -29.00
C PRO D 24 -9.19 -5.15 -29.56
N GLU D 25 -9.87 -4.38 -28.71
CA GLU D 25 -10.95 -3.53 -29.16
C GLU D 25 -10.50 -2.13 -29.56
N GLY D 26 -9.35 -1.68 -29.08
CA GLY D 26 -8.79 -0.40 -29.46
C GLY D 26 -8.73 0.57 -28.30
N PHE D 27 -8.28 1.79 -28.62
CA PHE D 27 -8.15 2.85 -27.65
C PHE D 27 -8.67 4.15 -28.26
N GLU D 28 -9.52 4.86 -27.51
CA GLU D 28 -9.94 6.18 -27.95
C GLU D 28 -8.77 7.17 -27.92
N GLU D 29 -7.85 7.01 -26.98
CA GLU D 29 -6.73 7.92 -26.83
C GLU D 29 -5.45 7.15 -26.57
N VAL D 30 -4.35 7.65 -27.14
CA VAL D 30 -3.00 7.19 -26.84
C VAL D 30 -2.11 8.42 -26.70
N HIS D 31 -1.38 8.50 -25.59
CA HIS D 31 -0.49 9.63 -25.33
C HIS D 31 0.94 9.13 -25.17
N VAL D 32 1.85 9.76 -25.92
CA VAL D 32 3.26 9.40 -25.90
C VAL D 32 4.04 10.54 -25.25
N PHE D 33 4.88 10.20 -24.28
CA PHE D 33 5.86 11.11 -23.70
C PHE D 33 7.25 10.68 -24.15
N THR D 34 7.98 11.60 -24.77
CA THR D 34 9.29 11.31 -25.28
C THR D 34 10.22 12.49 -25.01
N THR D 35 11.51 12.21 -24.99
CA THR D 35 12.50 13.25 -24.79
C THR D 35 12.54 14.19 -26.00
N ASP D 36 13.40 15.19 -25.91
CA ASP D 36 13.59 16.14 -27.00
C ASP D 36 14.59 15.55 -27.98
N SER D 37 14.55 14.23 -28.12
CA SER D 37 15.57 13.53 -28.88
C SER D 37 15.37 13.75 -30.37
N GLU D 38 16.47 13.87 -31.09
CA GLU D 38 16.43 13.87 -32.54
C GLU D 38 16.33 12.45 -33.09
N LYS D 39 16.84 11.46 -32.36
CA LYS D 39 16.66 10.07 -32.75
C LYS D 39 15.21 9.63 -32.68
N PHE D 40 14.39 10.30 -31.88
CA PHE D 40 12.96 9.99 -31.87
C PHE D 40 12.37 10.39 -33.22
N ASN D 41 12.04 9.40 -34.03
CA ASN D 41 11.44 9.67 -35.32
C ASN D 41 9.92 9.62 -35.20
N PRO D 42 9.25 10.77 -35.17
CA PRO D 42 7.81 10.76 -34.92
C PRO D 42 6.96 10.50 -36.14
N VAL D 43 7.55 10.44 -37.33
CA VAL D 43 6.76 10.60 -38.54
C VAL D 43 6.03 9.31 -38.90
N VAL D 44 6.55 8.16 -38.47
CA VAL D 44 5.82 6.91 -38.68
C VAL D 44 4.59 6.86 -37.79
N LEU D 45 4.71 7.35 -36.55
CA LEU D 45 3.59 7.32 -35.60
C LEU D 45 2.42 8.16 -36.10
N ASN D 46 2.69 9.42 -36.48
CA ASN D 46 1.65 10.30 -36.99
C ASN D 46 0.84 9.62 -38.08
N ASP D 47 1.52 9.13 -39.12
CA ASP D 47 0.83 8.52 -40.26
C ASP D 47 0.37 7.09 -39.98
N PHE D 48 0.79 6.48 -38.87
CA PHE D 48 0.05 5.34 -38.36
C PHE D 48 -1.27 5.78 -37.75
N PHE D 49 -1.27 6.90 -37.03
CA PHE D 49 -2.45 7.42 -36.36
C PHE D 49 -3.16 8.49 -37.18
N HIS D 50 -2.56 8.96 -38.28
CA HIS D 50 -3.30 9.77 -39.25
C HIS D 50 -4.39 8.94 -39.92
N SER D 51 -4.12 7.65 -40.14
CA SER D 51 -5.07 6.74 -40.75
C SER D 51 -6.18 6.32 -39.79
N LEU D 52 -6.16 6.79 -38.55
CA LEU D 52 -7.24 6.55 -37.59
C LEU D 52 -7.81 7.89 -37.15
N PRO D 53 -8.89 8.37 -37.78
CA PRO D 53 -9.45 9.69 -37.44
C PRO D 53 -10.21 9.71 -36.12
N ASN D 54 -10.54 8.56 -35.55
CA ASN D 54 -11.35 8.49 -34.33
C ASN D 54 -10.53 8.10 -33.10
N VAL D 55 -9.20 8.24 -33.17
CA VAL D 55 -8.31 7.97 -32.04
C VAL D 55 -7.46 9.22 -31.83
N ARG D 56 -7.60 9.85 -30.67
CA ARG D 56 -6.85 11.05 -30.36
C ARG D 56 -5.42 10.69 -30.00
N PHE D 57 -4.45 11.33 -30.65
CA PHE D 57 -3.04 10.97 -30.53
C PHE D 57 -2.21 12.24 -30.34
N SER D 58 -1.47 12.31 -29.24
CA SER D 58 -0.61 13.44 -28.94
C SER D 58 0.78 12.95 -28.55
N ILE D 59 1.78 13.81 -28.78
CA ILE D 59 3.16 13.56 -28.39
C ILE D 59 3.68 14.78 -27.67
N THR D 60 4.06 14.61 -26.41
CA THR D 60 4.66 15.69 -25.62
C THR D 60 6.16 15.44 -25.53
N LYS D 61 6.94 16.27 -26.21
CA LYS D 61 8.39 16.20 -26.07
C LYS D 61 8.80 17.00 -24.85
N CYS D 62 9.65 16.39 -24.01
CA CYS D 62 10.09 17.01 -22.76
C CYS D 62 11.23 17.97 -23.07
N HIS D 63 10.87 19.16 -23.52
CA HIS D 63 11.87 20.14 -23.93
C HIS D 63 12.70 20.58 -22.73
N GLY D 64 14.02 20.49 -22.88
CA GLY D 64 14.93 20.70 -21.78
C GLY D 64 15.69 19.46 -21.33
N LEU D 65 15.55 18.34 -22.05
CA LEU D 65 16.24 17.11 -21.70
C LEU D 65 16.35 16.26 -22.95
N ALA D 66 17.56 16.14 -23.50
CA ALA D 66 17.76 15.30 -24.68
C ALA D 66 17.89 13.83 -24.30
N ASP D 67 18.74 13.53 -23.31
CA ASP D 67 18.93 12.17 -22.85
C ASP D 67 18.99 12.18 -21.32
N ILE D 68 18.85 10.99 -20.74
CA ILE D 68 19.01 10.79 -19.30
C ILE D 68 20.38 10.18 -19.08
N LEU D 69 21.32 10.97 -18.58
CA LEU D 69 22.69 10.54 -18.43
C LEU D 69 23.13 10.47 -16.97
N ASN D 70 22.93 11.53 -16.20
CA ASN D 70 23.21 11.54 -14.77
C ASN D 70 21.91 11.65 -13.98
N GLU D 71 22.05 11.72 -12.65
CA GLU D 71 20.87 11.69 -11.79
C GLU D 71 20.06 12.98 -11.89
N ARG D 72 20.73 14.13 -11.89
CA ARG D 72 20.03 15.40 -11.98
C ARG D 72 19.21 15.52 -13.27
N ASP D 73 19.48 14.67 -14.26
CA ASP D 73 18.63 14.57 -15.44
C ASP D 73 17.36 13.77 -15.15
N PHE D 74 17.52 12.58 -14.54
CA PHE D 74 16.39 11.69 -14.29
C PHE D 74 15.35 12.36 -13.40
N GLU D 75 15.81 13.21 -12.46
CA GLU D 75 14.86 13.95 -11.62
C GLU D 75 13.96 14.84 -12.46
N PHE D 76 14.52 15.50 -13.46
CA PHE D 76 13.73 16.37 -14.33
C PHE D 76 12.71 15.56 -15.13
N TYR D 77 13.16 14.47 -15.76
CA TYR D 77 12.26 13.60 -16.51
C TYR D 77 11.08 13.12 -15.68
N GLN D 78 11.32 12.76 -14.42
CA GLN D 78 10.29 12.11 -13.63
C GLN D 78 9.20 13.10 -13.20
N GLU D 79 9.60 14.22 -12.60
CA GLU D 79 8.61 15.20 -12.15
C GLU D 79 7.80 15.72 -13.33
N MET D 80 8.42 15.80 -14.51
CA MET D 80 7.68 16.15 -15.72
C MET D 80 6.78 14.99 -16.16
N LEU D 81 7.21 13.75 -15.93
CA LEU D 81 6.45 12.58 -16.36
C LEU D 81 5.16 12.43 -15.56
N TRP D 82 5.27 12.44 -14.23
CA TRP D 82 4.10 12.29 -13.36
C TRP D 82 3.08 13.38 -13.64
N GLN D 83 3.56 14.60 -13.91
CA GLN D 83 2.67 15.69 -14.31
C GLN D 83 2.00 15.39 -15.64
N TRP D 84 2.73 14.77 -16.57
CA TRP D 84 2.12 14.35 -17.83
C TRP D 84 1.15 13.20 -17.62
N TYR D 85 1.51 12.26 -16.74
CA TYR D 85 0.62 11.16 -16.39
C TYR D 85 -0.67 11.67 -15.78
N LEU D 86 -0.60 12.78 -15.03
CA LEU D 86 -1.80 13.33 -14.41
C LEU D 86 -2.70 14.03 -15.40
N THR D 87 -2.12 14.75 -16.37
CA THR D 87 -2.94 15.46 -17.35
C THR D 87 -3.65 14.48 -18.27
N LYS D 88 -2.93 13.51 -18.80
CA LYS D 88 -3.47 12.63 -19.83
C LYS D 88 -4.27 11.47 -19.26
N MET D 89 -4.50 11.44 -17.95
CA MET D 89 -5.32 10.43 -17.31
C MET D 89 -6.80 10.77 -17.50
N PRO D 90 -7.64 9.82 -17.88
CA PRO D 90 -9.08 10.08 -17.91
C PRO D 90 -9.61 10.26 -16.50
N ASP D 91 -10.69 11.03 -16.39
CA ASP D 91 -11.18 11.42 -15.07
C ASP D 91 -11.93 10.29 -14.38
N ASN D 92 -12.95 9.75 -15.02
CA ASN D 92 -13.79 8.72 -14.44
C ASN D 92 -13.35 7.31 -14.80
N GLU D 93 -12.12 7.14 -15.28
CA GLU D 93 -11.53 5.83 -15.50
C GLU D 93 -10.04 5.91 -15.22
N LEU D 94 -9.44 4.74 -15.02
CA LEU D 94 -7.99 4.64 -14.95
C LEU D 94 -7.43 4.31 -16.33
N PRO D 95 -6.19 4.71 -16.60
CA PRO D 95 -5.63 4.51 -17.94
C PRO D 95 -4.94 3.16 -18.09
N TYR D 96 -4.65 2.83 -19.35
CA TYR D 96 -3.76 1.72 -19.67
C TYR D 96 -2.32 2.23 -19.74
N VAL D 97 -1.38 1.40 -19.31
CA VAL D 97 0.03 1.78 -19.26
C VAL D 97 0.85 0.71 -19.97
N CYS D 98 1.71 1.15 -20.88
CA CYS D 98 2.67 0.27 -21.55
C CYS D 98 4.07 0.75 -21.21
N LEU D 99 4.86 -0.14 -20.59
CA LEU D 99 6.16 0.20 -20.05
C LEU D 99 7.30 0.01 -21.05
N SER D 100 6.99 -0.24 -22.33
CA SER D 100 8.00 -0.79 -23.24
C SER D 100 8.98 0.27 -23.75
N GLY D 101 8.48 1.42 -24.19
CA GLY D 101 9.33 2.38 -24.85
C GLY D 101 10.37 2.99 -23.91
N GLY D 102 11.43 3.51 -24.52
CA GLY D 102 12.47 4.20 -23.79
C GLY D 102 13.57 3.29 -23.26
N ILE D 103 14.38 3.86 -22.38
CA ILE D 103 15.41 3.11 -21.67
C ILE D 103 14.82 2.63 -20.34
N LYS D 104 15.64 1.95 -19.53
CA LYS D 104 15.10 1.28 -18.35
C LYS D 104 14.59 2.28 -17.31
N SER D 105 15.37 3.34 -17.03
CA SER D 105 14.95 4.32 -16.02
C SER D 105 13.74 5.12 -16.47
N MET D 106 13.42 5.12 -17.76
CA MET D 106 12.17 5.70 -18.23
C MET D 106 10.97 4.79 -17.99
N SER D 107 11.20 3.49 -17.84
CA SER D 107 10.13 2.50 -17.66
C SER D 107 9.84 2.20 -16.20
N ALA D 108 10.82 2.29 -15.31
CA ALA D 108 10.60 2.04 -13.90
C ALA D 108 10.09 3.27 -13.15
N SER D 109 10.08 4.44 -13.79
CA SER D 109 9.37 5.60 -13.27
C SER D 109 7.92 5.61 -13.74
N LEU D 110 7.68 5.23 -15.00
CA LEU D 110 6.33 4.96 -15.46
C LEU D 110 5.70 3.82 -14.65
N GLN D 111 6.53 2.88 -14.21
CA GLN D 111 6.07 1.82 -13.32
C GLN D 111 5.52 2.39 -12.02
N LYS D 112 6.28 3.28 -11.38
CA LYS D 112 5.85 3.87 -10.11
C LYS D 112 4.60 4.73 -10.29
N ALA D 113 4.54 5.53 -11.36
CA ALA D 113 3.40 6.40 -11.60
C ALA D 113 2.11 5.61 -11.64
N ALA D 114 2.14 4.41 -12.24
CA ALA D 114 0.96 3.55 -12.27
C ALA D 114 0.54 3.14 -10.87
N THR D 115 1.51 2.85 -10.00
CA THR D 115 1.18 2.47 -8.63
C THR D 115 0.62 3.65 -7.84
N LEU D 116 1.13 4.85 -8.10
CA LEU D 116 0.69 6.03 -7.36
C LEU D 116 -0.67 6.52 -7.85
N PHE D 117 -0.82 6.75 -9.15
CA PHE D 117 -2.04 7.34 -9.69
C PHE D 117 -3.07 6.31 -10.14
N GLY D 118 -2.72 5.02 -10.17
CA GLY D 118 -3.65 4.01 -10.61
C GLY D 118 -3.59 3.71 -12.09
N ALA D 119 -3.46 2.43 -12.44
CA ALA D 119 -3.44 1.98 -13.82
C ALA D 119 -4.36 0.78 -13.96
N GLN D 120 -5.24 0.82 -14.97
CA GLN D 120 -6.06 -0.34 -15.30
C GLN D 120 -5.18 -1.55 -15.57
N SER D 121 -4.28 -1.43 -16.54
CA SER D 121 -3.35 -2.49 -16.88
C SER D 121 -1.96 -1.88 -17.03
N VAL D 122 -1.03 -2.35 -16.20
CA VAL D 122 0.39 -2.17 -16.45
C VAL D 122 0.84 -3.37 -17.27
N PHE D 123 1.07 -3.16 -18.56
CA PHE D 123 1.42 -4.26 -19.45
C PHE D 123 2.66 -3.88 -20.24
N HIS D 124 3.26 -4.91 -20.84
CA HIS D 124 4.63 -4.82 -21.35
C HIS D 124 4.75 -5.82 -22.48
N VAL D 125 5.03 -5.34 -23.69
CA VAL D 125 4.91 -6.12 -24.92
C VAL D 125 6.25 -6.74 -25.27
N LEU D 126 6.25 -8.04 -25.56
CA LEU D 126 7.46 -8.76 -25.98
C LEU D 126 7.22 -9.41 -27.33
N ALA D 127 8.07 -9.08 -28.29
CA ALA D 127 8.04 -9.68 -29.62
C ALA D 127 9.28 -10.53 -29.84
N ASP D 128 9.31 -11.23 -30.97
CA ASP D 128 10.32 -12.25 -31.23
C ASP D 128 11.43 -11.77 -32.15
N ASN D 129 11.09 -11.12 -33.26
CA ASN D 129 12.07 -10.71 -34.25
C ASN D 129 12.28 -9.20 -34.32
N ASN D 130 11.63 -8.42 -33.45
CA ASN D 130 11.73 -6.97 -33.42
C ASN D 130 11.30 -6.38 -34.75
N PRO D 131 10.02 -6.07 -34.91
CA PRO D 131 9.53 -5.47 -36.16
C PRO D 131 9.95 -4.01 -36.28
N ARG D 132 10.85 -3.74 -37.23
CA ARG D 132 11.36 -2.39 -37.43
C ARG D 132 10.56 -1.58 -38.44
N ASN D 133 9.41 -2.09 -38.90
CA ASN D 133 8.50 -1.30 -39.71
C ASN D 133 7.10 -1.91 -39.63
N ILE D 134 6.11 -1.08 -39.98
CA ILE D 134 4.71 -1.45 -39.84
C ILE D 134 4.42 -2.75 -40.57
N GLU D 135 5.02 -2.92 -41.75
CA GLU D 135 4.79 -4.12 -42.54
C GLU D 135 5.36 -5.35 -41.84
N GLU D 136 6.50 -5.20 -41.18
CA GLU D 136 7.01 -6.27 -40.35
C GLU D 136 6.10 -6.52 -39.15
N MET D 137 5.51 -5.44 -38.61
CA MET D 137 4.77 -5.54 -37.36
C MET D 137 3.50 -6.37 -37.53
N PHE D 138 2.72 -6.07 -38.57
CA PHE D 138 1.46 -6.76 -38.76
C PHE D 138 1.69 -8.25 -38.96
N ASP D 139 2.78 -8.62 -39.62
CA ASP D 139 3.13 -10.03 -39.81
C ASP D 139 3.21 -10.76 -38.47
N ALA D 140 3.89 -10.15 -37.50
CA ALA D 140 4.01 -10.77 -36.18
C ALA D 140 2.64 -10.87 -35.50
N LEU D 141 1.90 -9.76 -35.48
CA LEU D 141 0.54 -9.77 -34.95
C LEU D 141 -0.31 -10.80 -35.67
N GLN D 142 -0.01 -11.06 -36.95
CA GLN D 142 -0.75 -12.02 -37.74
C GLN D 142 -0.26 -13.44 -37.47
N LYS D 143 1.07 -13.63 -37.44
CA LYS D 143 1.67 -14.91 -37.11
C LYS D 143 1.62 -15.23 -35.63
N GLY D 144 1.03 -14.38 -34.80
CA GLY D 144 1.05 -14.58 -33.36
C GLY D 144 2.44 -14.54 -32.78
N GLN D 145 3.25 -13.59 -33.25
CA GLN D 145 4.61 -13.42 -32.78
C GLN D 145 4.78 -12.25 -31.82
N ILE D 146 3.74 -11.44 -31.64
CA ILE D 146 3.74 -10.34 -30.68
C ILE D 146 2.99 -10.80 -29.43
N HIS D 147 3.55 -10.55 -28.27
CA HIS D 147 2.97 -11.03 -27.01
C HIS D 147 2.64 -9.87 -26.07
N PHE D 148 1.63 -10.12 -25.25
CA PHE D 148 1.04 -9.15 -24.33
C PHE D 148 1.20 -9.71 -22.92
N ILE D 149 2.05 -9.06 -22.11
CA ILE D 149 2.38 -9.57 -20.79
C ILE D 149 1.84 -8.60 -19.74
N GLU D 150 0.59 -8.80 -19.34
CA GLU D 150 -0.02 -7.94 -18.33
C GLU D 150 0.66 -8.13 -16.98
N MET D 151 1.11 -7.04 -16.39
CA MET D 151 1.77 -7.10 -15.09
C MET D 151 0.81 -6.86 -13.94
N GLY D 152 -0.38 -6.32 -14.20
CA GLY D 152 -1.40 -6.25 -13.18
C GLY D 152 -2.23 -4.98 -13.13
N TYR D 153 -3.19 -4.97 -12.20
CA TYR D 153 -4.04 -3.81 -11.94
C TYR D 153 -3.43 -2.98 -10.82
N GLU D 154 -3.17 -1.71 -11.09
CA GLU D 154 -2.69 -0.81 -10.05
C GLU D 154 -3.84 0.06 -9.58
N PRO D 155 -4.35 -0.12 -8.35
CA PRO D 155 -5.53 0.67 -7.94
C PRO D 155 -5.24 2.15 -7.80
N GLY D 156 -4.03 2.51 -7.35
CA GLY D 156 -3.70 3.91 -7.21
C GLY D 156 -4.38 4.57 -6.02
N TRP D 157 -4.21 5.88 -5.94
CA TRP D 157 -4.66 6.65 -4.79
C TRP D 157 -5.71 7.67 -5.19
N ALA D 158 -6.76 7.77 -4.38
CA ALA D 158 -7.84 8.70 -4.65
C ALA D 158 -7.38 10.15 -4.54
N ALA D 159 -6.80 10.50 -3.38
CA ALA D 159 -6.39 11.88 -3.15
C ALA D 159 -5.32 12.32 -4.15
N LEU D 160 -4.42 11.42 -4.52
CA LEU D 160 -3.38 11.74 -5.48
C LEU D 160 -3.93 11.99 -6.87
N ARG D 161 -5.19 11.65 -7.13
CA ARG D 161 -5.80 11.94 -8.43
C ARG D 161 -6.48 13.30 -8.47
N ARG D 162 -6.87 13.85 -7.33
CA ARG D 162 -7.33 15.24 -7.30
C ARG D 162 -6.19 16.22 -7.56
N LEU D 163 -4.94 15.76 -7.45
CA LEU D 163 -3.79 16.64 -7.62
C LEU D 163 -3.65 17.15 -9.04
N LYS D 164 -4.29 16.51 -10.01
CA LYS D 164 -4.31 16.99 -11.38
C LYS D 164 -4.94 18.38 -11.51
N LYS D 165 -5.57 18.87 -10.45
CA LYS D 165 -6.18 20.21 -10.48
C LYS D 165 -5.12 21.30 -10.33
N ILE D 166 -4.24 21.16 -9.33
CA ILE D 166 -3.20 22.14 -9.07
C ILE D 166 -2.09 22.03 -10.10
#